data_2X7E
#
_entry.id   2X7E
#
_cell.length_a   69.597
_cell.length_b   79.849
_cell.length_c   160.063
_cell.angle_alpha   90.00
_cell.angle_beta   90.00
_cell.angle_gamma   90.00
#
_symmetry.space_group_name_H-M   'P 21 21 21'
#
loop_
_entity.id
_entity.type
_entity.pdbx_description
1 polymer 'KINESIN-LIKE PROTEIN KIF11'
2 non-polymer "ADENOSINE-5'-DIPHOSPHATE"
3 non-polymer 'MAGNESIUM ION'
4 non-polymer (4R)-5-[(S)-(3,4-DIFLUOROPHENYL)(HYDROXY)METHYL]-4-(3-HYDROXYPHENYL)-1,6-DIMETHYL-3,4-DIHYDROPYRIMIDINE-2(1H)-THIONE
5 water water
#
_entity_poly.entity_id   1
_entity_poly.type   'polypeptide(L)'
_entity_poly.pdbx_seq_one_letter_code
;MASQPNSSAKKKEEKGKNIQVVVRCRPFNLAERKASAHSIVECDPVRKEVSVRTGGLADKSSRKTYTFDMVFGASTKQID
VYRSVVCPILDEVIMGYNCTIFAYGQTGTGKTFTMEGERSPNEEYTWEEDPLAGIIPRTLHQIFEKLTDNGTEFSVKVSL
LEIYNEELFDLLNPSSDVSERLQMFDDPRNKRGVIIKGLEEITVHNKDEVYQILEKGAAKRTTAATLMNAYSSRSHSVFS
VTIHMKETTIDGEELVKIGKLNLVDLAGSENIGRSGAVDKRAREAGNINQSLLTLGRVITALVERTPHVPYRESKLTRIL
QDSLGGRTRTSIIATISPASLNLEETLSTLEYAHRAKNILNKPEVNQK
;
_entity_poly.pdbx_strand_id   A,B
#
loop_
_chem_comp.id
_chem_comp.type
_chem_comp.name
_chem_comp.formula
ADP non-polymer ADENOSINE-5'-DIPHOSPHATE 'C10 H15 N5 O10 P2'
MG non-polymer 'MAGNESIUM ION' 'Mg 2'
X7E non-polymer (4R)-5-[(S)-(3,4-DIFLUOROPHENYL)(HYDROXY)METHYL]-4-(3-HYDROXYPHENYL)-1,6-DIMETHYL-3,4-DIHYDROPYRIMIDINE-2(1H)-THIONE 'C19 H18 F2 N2 O2 S'
#
# COMPACT_ATOMS: atom_id res chain seq x y z
N LYS A 17 -11.75 -0.25 -24.60
CA LYS A 17 -13.22 -0.04 -24.45
C LYS A 17 -13.67 0.27 -23.00
N ASN A 18 -13.84 1.56 -22.74
CA ASN A 18 -14.16 2.09 -21.41
C ASN A 18 -15.11 1.27 -20.57
N ILE A 19 -14.81 1.08 -19.30
CA ILE A 19 -15.79 0.55 -18.38
C ILE A 19 -16.95 1.55 -18.16
N GLN A 20 -18.09 1.05 -17.68
CA GLN A 20 -19.28 1.87 -17.55
C GLN A 20 -19.37 2.42 -16.12
N VAL A 21 -19.67 3.69 -15.96
CA VAL A 21 -19.76 4.26 -14.65
C VAL A 21 -21.08 5.03 -14.54
N VAL A 22 -21.91 4.68 -13.56
CA VAL A 22 -23.14 5.41 -13.31
C VAL A 22 -23.16 5.90 -11.85
N VAL A 23 -23.99 6.90 -11.56
CA VAL A 23 -24.08 7.46 -10.21
C VAL A 23 -25.52 7.53 -9.73
N ARG A 24 -25.79 6.92 -8.58
CA ARG A 24 -27.12 6.94 -7.99
C ARG A 24 -27.11 7.73 -6.69
N CYS A 25 -28.20 8.45 -6.42
CA CYS A 25 -28.29 9.28 -5.21
C CYS A 25 -29.41 8.69 -4.39
N ARG A 26 -29.19 8.48 -3.10
CA ARG A 26 -30.28 7.94 -2.28
C ARG A 26 -31.30 9.05 -1.96
N PRO A 27 -32.51 8.65 -1.55
CA PRO A 27 -33.46 9.60 -1.01
C PRO A 27 -33.20 9.87 0.48
N PHE A 28 -33.72 11.02 0.90
CA PHE A 28 -33.70 11.46 2.28
C PHE A 28 -34.40 10.43 3.17
N ASN A 29 -33.89 10.23 4.38
CA ASN A 29 -34.58 9.31 5.29
C ASN A 29 -35.63 10.08 6.15
N LEU A 30 -36.43 9.38 6.95
CA LEU A 30 -37.42 10.04 7.80
C LEU A 30 -36.84 11.15 8.71
N ALA A 31 -35.72 10.92 9.39
CA ALA A 31 -35.05 12.01 10.13
C ALA A 31 -34.80 13.31 9.33
N GLU A 32 -34.43 13.18 8.07
CA GLU A 32 -34.01 14.34 7.29
C GLU A 32 -35.24 15.15 6.87
N ARG A 33 -36.32 14.43 6.55
CA ARG A 33 -37.60 15.00 6.18
C ARG A 33 -38.06 15.91 7.32
N LYS A 34 -38.27 15.35 8.51
CA LYS A 34 -38.66 16.09 9.72
C LYS A 34 -37.78 17.31 9.97
N ALA A 35 -36.51 17.25 9.52
CA ALA A 35 -35.62 18.40 9.56
C ALA A 35 -35.74 19.32 8.32
N SER A 36 -36.62 18.92 7.38
CA SER A 36 -36.85 19.64 6.14
C SER A 36 -35.54 19.97 5.41
N ALA A 37 -34.89 18.91 4.92
CA ALA A 37 -33.56 19.01 4.33
C ALA A 37 -33.71 19.32 2.83
N HIS A 38 -32.92 20.28 2.34
CA HIS A 38 -32.82 20.64 0.92
C HIS A 38 -31.71 19.78 0.30
N SER A 39 -31.98 19.16 -0.85
CA SER A 39 -30.97 18.42 -1.62
C SER A 39 -29.83 19.30 -2.07
N ILE A 40 -28.60 18.79 -2.03
CA ILE A 40 -27.51 19.49 -2.70
C ILE A 40 -27.14 18.83 -4.01
N VAL A 41 -27.87 17.78 -4.36
CA VAL A 41 -27.62 17.02 -5.57
C VAL A 41 -28.77 17.06 -6.59
N GLU A 42 -28.46 17.53 -7.80
CA GLU A 42 -29.40 17.44 -8.88
C GLU A 42 -28.88 16.44 -9.91
N CYS A 43 -29.73 15.48 -10.27
CA CYS A 43 -29.41 14.53 -11.32
C CYS A 43 -30.25 14.87 -12.55
N ASP A 44 -29.62 14.82 -13.72
CA ASP A 44 -30.28 15.09 -14.99
C ASP A 44 -29.96 13.96 -15.99
N PRO A 45 -30.84 12.94 -16.07
CA PRO A 45 -30.63 11.72 -16.87
C PRO A 45 -30.52 11.97 -18.36
N VAL A 46 -31.21 13.01 -18.85
CA VAL A 46 -31.13 13.41 -20.24
C VAL A 46 -29.72 13.91 -20.58
N ARG A 47 -29.21 14.80 -19.74
CA ARG A 47 -27.82 15.25 -19.85
C ARG A 47 -26.84 14.19 -19.36
N LYS A 48 -27.29 13.31 -18.46
CA LYS A 48 -26.43 12.35 -17.77
C LYS A 48 -25.44 13.04 -16.81
N GLU A 49 -25.86 14.12 -16.19
CA GLU A 49 -24.95 14.88 -15.36
C GLU A 49 -25.43 14.79 -13.93
N VAL A 50 -24.46 14.82 -13.03
CA VAL A 50 -24.69 15.09 -11.62
C VAL A 50 -24.16 16.47 -11.30
N SER A 51 -24.92 17.21 -10.51
CA SER A 51 -24.56 18.56 -10.17
C SER A 51 -24.72 18.76 -8.67
N VAL A 52 -23.66 19.27 -8.05
CA VAL A 52 -23.55 19.37 -6.59
C VAL A 52 -23.31 20.83 -6.25
N ARG A 53 -24.14 21.35 -5.37
CA ARG A 53 -23.95 22.70 -4.87
C ARG A 53 -22.91 22.61 -3.78
N THR A 54 -21.80 23.32 -3.99
CA THR A 54 -20.65 23.37 -3.09
C THR A 54 -20.51 24.62 -2.21
N GLY A 55 -21.52 25.49 -2.24
CA GLY A 55 -21.51 26.78 -1.57
C GLY A 55 -22.57 27.71 -2.17
N GLY A 56 -23.04 28.67 -1.37
CA GLY A 56 -24.01 29.69 -1.80
C GLY A 56 -25.45 29.46 -1.37
N LEU A 57 -26.07 30.50 -0.81
CA LEU A 57 -27.31 30.33 -0.05
C LEU A 57 -28.53 30.80 -0.83
N ALA A 58 -29.25 29.86 -1.44
CA ALA A 58 -30.41 30.19 -2.30
C ALA A 58 -30.10 30.79 -3.70
N ASP A 59 -29.79 32.08 -3.77
CA ASP A 59 -29.86 32.86 -5.02
C ASP A 59 -28.55 33.08 -5.80
N LYS A 60 -27.45 32.55 -5.27
CA LYS A 60 -26.20 32.44 -6.01
C LYS A 60 -25.29 31.45 -5.31
N SER A 61 -24.61 30.65 -6.11
CA SER A 61 -24.08 29.39 -5.63
C SER A 61 -22.99 28.99 -6.60
N SER A 62 -22.03 28.18 -6.15
CA SER A 62 -21.18 27.49 -7.10
C SER A 62 -21.51 25.99 -7.11
N ARG A 63 -21.19 25.30 -8.21
CA ARG A 63 -21.46 23.88 -8.23
C ARG A 63 -20.34 23.15 -8.92
N LYS A 64 -20.31 21.85 -8.68
CA LYS A 64 -19.48 20.97 -9.49
C LYS A 64 -20.38 20.00 -10.23
N THR A 65 -20.05 19.80 -11.50
CA THR A 65 -20.86 19.01 -12.39
C THR A 65 -20.02 17.94 -13.07
N TYR A 66 -20.60 16.76 -13.20
CA TYR A 66 -19.93 15.61 -13.78
C TYR A 66 -20.89 14.91 -14.74
N THR A 67 -20.40 14.44 -15.87
CA THR A 67 -21.23 13.58 -16.68
C THR A 67 -20.75 12.15 -16.54
N PHE A 68 -21.70 11.22 -16.49
CA PHE A 68 -21.41 9.80 -16.36
C PHE A 68 -22.13 9.03 -17.49
N ASP A 69 -21.98 7.73 -17.53
CA ASP A 69 -22.70 6.99 -18.53
C ASP A 69 -24.22 6.97 -18.35
N MET A 70 -24.67 6.90 -17.10
CA MET A 70 -26.06 7.08 -16.69
C MET A 70 -26.07 7.71 -15.30
N VAL A 71 -27.20 8.27 -14.90
CA VAL A 71 -27.35 8.94 -13.66
C VAL A 71 -28.75 8.68 -13.16
N PHE A 72 -28.87 8.35 -11.88
CA PHE A 72 -30.13 7.97 -11.28
C PHE A 72 -30.39 8.84 -10.05
N GLY A 73 -31.49 9.60 -10.08
CA GLY A 73 -31.75 10.56 -9.03
C GLY A 73 -32.36 9.81 -7.88
N ALA A 74 -32.65 10.55 -6.82
CA ALA A 74 -33.11 9.97 -5.59
C ALA A 74 -34.43 9.22 -5.68
N SER A 75 -35.23 9.45 -6.72
CA SER A 75 -36.52 8.75 -6.82
C SER A 75 -36.47 7.43 -7.62
N THR A 76 -35.29 7.07 -8.12
CA THR A 76 -35.13 5.95 -9.04
C THR A 76 -35.49 4.69 -8.26
N LYS A 77 -36.24 3.78 -8.88
CA LYS A 77 -36.59 2.57 -8.19
C LYS A 77 -35.65 1.41 -8.57
N GLN A 78 -35.70 0.34 -7.78
CA GLN A 78 -34.79 -0.76 -7.99
C GLN A 78 -34.98 -1.31 -9.39
N ILE A 79 -36.23 -1.38 -9.88
CA ILE A 79 -36.49 -1.99 -11.19
C ILE A 79 -35.86 -1.17 -12.34
N ASP A 80 -35.78 0.15 -12.18
CA ASP A 80 -35.19 1.01 -13.20
C ASP A 80 -33.68 0.79 -13.24
N VAL A 81 -33.07 0.55 -12.07
CA VAL A 81 -31.64 0.29 -11.99
C VAL A 81 -31.44 -1.03 -12.69
N TYR A 82 -32.28 -1.99 -12.35
CA TYR A 82 -32.18 -3.29 -12.96
C TYR A 82 -32.31 -3.27 -14.49
N ARG A 83 -33.33 -2.58 -15.01
CA ARG A 83 -33.55 -2.63 -16.45
C ARG A 83 -32.42 -1.94 -17.19
N SER A 84 -32.02 -0.79 -16.69
CA SER A 84 -31.03 0.03 -17.35
C SER A 84 -29.66 -0.61 -17.29
N VAL A 85 -29.26 -1.02 -16.10
CA VAL A 85 -27.87 -1.38 -15.92
C VAL A 85 -27.69 -2.89 -16.04
N VAL A 86 -28.47 -3.65 -15.31
CA VAL A 86 -28.08 -5.02 -15.07
C VAL A 86 -28.59 -5.86 -16.22
N CYS A 87 -29.77 -5.53 -16.75
CA CYS A 87 -30.39 -6.35 -17.81
C CYS A 87 -29.45 -6.62 -19.00
N PRO A 88 -28.84 -5.56 -19.58
CA PRO A 88 -27.89 -5.74 -20.69
C PRO A 88 -26.61 -6.44 -20.27
N ILE A 89 -26.29 -6.38 -18.98
CA ILE A 89 -25.13 -7.10 -18.47
C ILE A 89 -25.44 -8.57 -18.37
N LEU A 90 -26.65 -8.90 -17.95
CA LEU A 90 -26.97 -10.30 -17.75
C LEU A 90 -27.06 -11.00 -19.12
N ASP A 91 -27.58 -10.31 -20.15
CA ASP A 91 -27.55 -10.82 -21.54
C ASP A 91 -26.12 -11.13 -21.97
N GLU A 92 -25.19 -10.23 -21.63
CA GLU A 92 -23.76 -10.44 -21.90
CA GLU A 92 -23.78 -10.46 -21.92
C GLU A 92 -23.19 -11.65 -21.13
N VAL A 93 -23.61 -11.84 -19.88
CA VAL A 93 -23.18 -13.03 -19.16
C VAL A 93 -23.67 -14.30 -19.89
N ILE A 94 -24.94 -14.30 -20.29
CA ILE A 94 -25.50 -15.42 -21.03
C ILE A 94 -24.79 -15.70 -22.38
N MET A 95 -24.19 -14.70 -23.01
CA MET A 95 -23.41 -14.96 -24.21
C MET A 95 -22.02 -15.55 -23.90
N GLY A 96 -21.73 -15.71 -22.61
CA GLY A 96 -20.54 -16.43 -22.17
C GLY A 96 -19.37 -15.52 -21.87
N TYR A 97 -19.66 -14.25 -21.67
CA TYR A 97 -18.66 -13.29 -21.21
C TYR A 97 -18.64 -13.26 -19.68
N ASN A 98 -17.57 -12.73 -19.11
CA ASN A 98 -17.50 -12.40 -17.70
C ASN A 98 -17.86 -10.94 -17.39
N CYS A 99 -18.66 -10.74 -16.36
CA CYS A 99 -19.02 -9.37 -16.02
C CYS A 99 -18.87 -9.10 -14.54
N THR A 100 -18.62 -7.86 -14.21
CA THR A 100 -18.50 -7.46 -12.84
C THR A 100 -19.27 -6.14 -12.68
N ILE A 101 -20.05 -6.05 -11.61
CA ILE A 101 -20.60 -4.77 -11.14
C ILE A 101 -20.11 -4.46 -9.71
N PHE A 102 -19.50 -3.29 -9.55
CA PHE A 102 -19.08 -2.75 -8.26
C PHE A 102 -20.07 -1.74 -7.77
N ALA A 103 -20.30 -1.74 -6.46
CA ALA A 103 -20.90 -0.62 -5.71
C ALA A 103 -19.85 0.12 -4.89
N TYR A 104 -19.71 1.41 -5.17
CA TYR A 104 -18.73 2.27 -4.52
C TYR A 104 -19.34 3.54 -3.90
N GLY A 105 -18.98 3.83 -2.66
CA GLY A 105 -19.41 5.07 -2.05
C GLY A 105 -19.38 4.94 -0.55
N GLN A 106 -19.67 6.05 0.09
CA GLN A 106 -19.65 6.25 1.53
C GLN A 106 -20.67 5.33 2.18
N THR A 107 -20.34 4.76 3.33
CA THR A 107 -21.35 4.17 4.22
C THR A 107 -22.61 5.03 4.39
N GLY A 108 -23.80 4.43 4.27
CA GLY A 108 -24.99 5.21 4.38
C GLY A 108 -25.60 5.60 3.05
N THR A 109 -24.91 5.32 1.94
CA THR A 109 -25.37 5.85 0.66
C THR A 109 -26.21 4.93 -0.24
N GLY A 110 -26.30 3.66 0.11
CA GLY A 110 -27.07 2.69 -0.67
C GLY A 110 -26.28 1.69 -1.53
N LYS A 111 -25.10 1.30 -1.09
CA LYS A 111 -24.35 0.26 -1.78
C LYS A 111 -25.05 -1.09 -1.59
N THR A 112 -25.36 -1.42 -0.34
CA THR A 112 -26.04 -2.68 -0.01
C THR A 112 -27.49 -2.61 -0.49
N PHE A 113 -28.13 -1.47 -0.34
CA PHE A 113 -29.47 -1.33 -0.86
C PHE A 113 -29.54 -1.66 -2.36
N THR A 114 -28.57 -1.17 -3.14
CA THR A 114 -28.52 -1.43 -4.56
C THR A 114 -28.18 -2.88 -4.90
N MET A 115 -27.18 -3.41 -4.22
CA MET A 115 -26.67 -4.72 -4.63
C MET A 115 -27.60 -5.80 -4.17
N GLU A 116 -28.22 -5.57 -3.02
CA GLU A 116 -29.07 -6.56 -2.39
C GLU A 116 -30.52 -6.14 -2.30
N GLY A 117 -30.72 -4.95 -1.75
CA GLY A 117 -32.04 -4.40 -1.50
C GLY A 117 -32.60 -4.85 -0.18
N GLU A 118 -33.89 -4.57 -0.01
CA GLU A 118 -34.58 -4.78 1.26
C GLU A 118 -35.92 -5.53 1.02
N ARG A 119 -36.56 -5.95 2.11
CA ARG A 119 -37.91 -6.47 2.06
C ARG A 119 -38.91 -5.34 2.32
N SER A 120 -39.93 -5.25 1.47
CA SER A 120 -40.99 -4.30 1.75
C SER A 120 -41.59 -4.57 3.13
N PRO A 121 -41.93 -3.51 3.84
CA PRO A 121 -42.48 -3.79 5.16
C PRO A 121 -43.76 -4.64 5.16
N ASN A 122 -43.88 -5.50 6.18
CA ASN A 122 -45.15 -6.04 6.58
C ASN A 122 -45.58 -7.24 5.76
N GLU A 123 -44.60 -7.90 5.14
CA GLU A 123 -44.88 -9.08 4.35
C GLU A 123 -45.89 -8.79 3.25
N GLU A 124 -45.89 -7.55 2.77
CA GLU A 124 -46.70 -7.19 1.63
C GLU A 124 -46.39 -8.02 0.39
N TYR A 125 -45.15 -8.47 0.17
CA TYR A 125 -44.74 -9.06 -1.10
C TYR A 125 -43.94 -10.35 -0.86
N THR A 126 -44.02 -11.30 -1.80
CA THR A 126 -43.03 -12.35 -1.92
C THR A 126 -41.72 -11.81 -2.52
N TRP A 127 -40.65 -12.57 -2.38
CA TRP A 127 -39.36 -12.00 -2.64
C TRP A 127 -39.24 -11.69 -4.12
N GLU A 128 -39.84 -12.53 -4.96
CA GLU A 128 -39.59 -12.43 -6.39
C GLU A 128 -40.35 -11.25 -6.98
N GLU A 129 -41.24 -10.65 -6.20
CA GLU A 129 -41.96 -9.48 -6.67
C GLU A 129 -41.81 -8.27 -5.74
N ASP A 130 -40.96 -8.34 -4.73
CA ASP A 130 -40.70 -7.17 -3.89
C ASP A 130 -40.05 -6.01 -4.67
N PRO A 131 -40.67 -4.84 -4.69
CA PRO A 131 -40.03 -3.78 -5.45
C PRO A 131 -38.79 -3.18 -4.79
N LEU A 132 -38.49 -3.56 -3.56
CA LEU A 132 -37.27 -3.09 -2.94
C LEU A 132 -36.08 -4.07 -3.11
N ALA A 133 -36.34 -5.20 -3.80
CA ALA A 133 -35.29 -6.13 -4.21
C ALA A 133 -34.23 -5.44 -5.05
N GLY A 134 -32.98 -5.86 -4.86
CA GLY A 134 -31.82 -5.22 -5.45
C GLY A 134 -31.24 -6.18 -6.46
N ILE A 135 -29.98 -5.96 -6.83
CA ILE A 135 -29.45 -6.58 -8.03
C ILE A 135 -29.33 -8.10 -7.90
N ILE A 136 -28.89 -8.56 -6.73
CA ILE A 136 -28.62 -9.95 -6.52
C ILE A 136 -29.90 -10.81 -6.70
N PRO A 137 -30.95 -10.57 -5.90
CA PRO A 137 -32.14 -11.41 -6.10
C PRO A 137 -32.72 -11.28 -7.52
N ARG A 138 -32.84 -10.06 -8.05
CA ARG A 138 -33.41 -9.86 -9.39
C ARG A 138 -32.62 -10.63 -10.43
N THR A 139 -31.29 -10.60 -10.35
CA THR A 139 -30.49 -11.32 -11.35
C THR A 139 -30.79 -12.80 -11.33
N LEU A 140 -30.89 -13.37 -10.14
CA LEU A 140 -30.93 -14.82 -10.02
C LEU A 140 -32.31 -15.24 -10.49
N HIS A 141 -33.31 -14.46 -10.09
CA HIS A 141 -34.65 -14.74 -10.54
C HIS A 141 -34.71 -14.69 -12.07
N GLN A 142 -34.11 -13.67 -12.68
CA GLN A 142 -34.23 -13.47 -14.10
C GLN A 142 -33.50 -14.50 -14.97
N ILE A 143 -32.45 -15.11 -14.43
CA ILE A 143 -31.66 -16.10 -15.17
C ILE A 143 -32.54 -17.30 -15.56
N PHE A 144 -33.39 -17.71 -14.63
CA PHE A 144 -34.32 -18.83 -14.84
C PHE A 144 -35.46 -18.44 -15.75
N GLU A 145 -35.80 -17.15 -15.78
CA GLU A 145 -36.82 -16.68 -16.69
C GLU A 145 -36.31 -16.72 -18.11
N LYS A 146 -35.21 -16.03 -18.36
CA LYS A 146 -34.56 -15.94 -19.67
C LYS A 146 -34.24 -17.28 -20.37
N LEU A 147 -34.01 -18.34 -19.60
CA LEU A 147 -33.58 -19.63 -20.14
C LEU A 147 -34.56 -20.78 -19.87
N THR A 148 -35.85 -20.51 -19.71
CA THR A 148 -36.80 -21.61 -19.46
C THR A 148 -36.80 -22.64 -20.59
N ASP A 149 -36.88 -22.19 -21.85
CA ASP A 149 -37.22 -23.13 -22.94
C ASP A 149 -36.64 -22.75 -24.31
N ASN A 150 -35.50 -22.06 -24.26
CA ASN A 150 -34.84 -21.64 -25.49
C ASN A 150 -33.85 -22.66 -26.08
N GLY A 151 -33.76 -23.84 -25.47
CA GLY A 151 -32.88 -24.87 -25.97
C GLY A 151 -31.49 -24.88 -25.38
N THR A 152 -31.32 -24.18 -24.27
CA THR A 152 -30.03 -24.14 -23.61
C THR A 152 -30.08 -24.81 -22.26
N GLU A 153 -29.45 -25.97 -22.17
CA GLU A 153 -29.13 -26.55 -20.86
C GLU A 153 -28.14 -25.65 -20.12
N PHE A 154 -28.42 -25.46 -18.84
CA PHE A 154 -27.64 -24.58 -17.97
C PHE A 154 -27.65 -25.06 -16.52
N SER A 155 -26.60 -24.72 -15.78
CA SER A 155 -26.69 -24.77 -14.32
C SER A 155 -26.16 -23.48 -13.74
N VAL A 156 -26.68 -23.14 -12.57
CA VAL A 156 -26.33 -21.91 -11.87
C VAL A 156 -25.67 -22.22 -10.53
N LYS A 157 -24.43 -21.75 -10.40
CA LYS A 157 -23.68 -21.83 -9.14
C LYS A 157 -23.43 -20.44 -8.52
N VAL A 158 -23.53 -20.34 -7.20
CA VAL A 158 -23.22 -19.10 -6.51
C VAL A 158 -22.17 -19.28 -5.43
N SER A 159 -21.36 -18.25 -5.23
CA SER A 159 -20.51 -18.21 -4.03
C SER A 159 -20.55 -16.79 -3.44
N LEU A 160 -20.26 -16.67 -2.15
CA LEU A 160 -20.20 -15.38 -1.49
C LEU A 160 -18.92 -15.35 -0.65
N LEU A 161 -17.96 -14.60 -1.19
CA LEU A 161 -16.68 -14.43 -0.60
C LEU A 161 -16.60 -13.01 -0.08
N GLU A 162 -16.22 -12.87 1.17
CA GLU A 162 -16.02 -11.55 1.77
C GLU A 162 -14.61 -11.35 2.27
N ILE A 163 -14.19 -10.10 2.32
CA ILE A 163 -12.86 -9.75 2.76
C ILE A 163 -12.98 -8.69 3.86
N TYR A 164 -12.32 -8.94 4.99
CA TYR A 164 -12.38 -8.04 6.11
C TYR A 164 -10.97 -8.07 6.73
N ASN A 165 -10.28 -6.93 6.78
CA ASN A 165 -8.95 -6.91 7.39
C ASN A 165 -8.04 -7.89 6.67
N GLU A 166 -8.11 -7.94 5.34
CA GLU A 166 -7.26 -8.78 4.48
C GLU A 166 -7.37 -10.29 4.75
N GLU A 167 -8.43 -10.70 5.41
CA GLU A 167 -8.81 -12.07 5.52
C GLU A 167 -10.11 -12.40 4.76
N LEU A 168 -10.21 -13.65 4.33
CA LEU A 168 -11.31 -14.16 3.50
C LEU A 168 -12.22 -15.11 4.28
N PHE A 169 -13.52 -14.91 4.13
CA PHE A 169 -14.56 -15.62 4.85
C PHE A 169 -15.54 -16.09 3.78
N ASP A 170 -16.08 -17.28 3.98
CA ASP A 170 -17.12 -17.83 3.11
C ASP A 170 -18.45 -17.65 3.81
N LEU A 171 -19.35 -16.86 3.24
CA LEU A 171 -20.63 -16.55 3.88
C LEU A 171 -21.75 -17.49 3.49
N LEU A 172 -21.49 -18.44 2.59
CA LEU A 172 -22.57 -19.36 2.20
C LEU A 172 -22.41 -20.81 2.69
N ASN A 173 -21.23 -21.18 3.16
CA ASN A 173 -20.98 -22.53 3.65
C ASN A 173 -21.70 -22.83 4.97
N PRO A 174 -22.74 -23.70 4.91
CA PRO A 174 -23.53 -23.94 6.11
C PRO A 174 -22.81 -24.94 7.00
N SER A 175 -21.65 -25.43 6.55
CA SER A 175 -20.89 -26.43 7.30
C SER A 175 -19.86 -25.77 8.22
N SER A 176 -19.03 -24.86 7.68
CA SER A 176 -18.11 -24.09 8.51
C SER A 176 -18.89 -22.97 9.23
N ASP A 177 -18.29 -22.37 10.25
CA ASP A 177 -18.85 -21.12 10.76
C ASP A 177 -17.95 -19.95 10.37
N VAL A 178 -18.55 -18.77 10.33
CA VAL A 178 -17.95 -17.61 9.69
C VAL A 178 -16.48 -17.36 10.08
N SER A 179 -16.15 -17.63 11.34
CA SER A 179 -14.80 -17.51 11.89
C SER A 179 -13.63 -18.05 11.04
N GLU A 180 -13.85 -19.13 10.31
CA GLU A 180 -12.76 -19.83 9.62
CA GLU A 180 -12.72 -19.78 9.65
C GLU A 180 -12.30 -19.07 8.36
N ARG A 181 -11.03 -18.69 8.32
CA ARG A 181 -10.42 -17.96 7.23
C ARG A 181 -10.01 -18.91 6.12
N LEU A 182 -10.04 -18.41 4.89
CA LEU A 182 -9.77 -19.20 3.71
C LEU A 182 -8.40 -18.76 3.25
N GLN A 183 -7.73 -19.59 2.45
CA GLN A 183 -6.40 -19.33 1.91
C GLN A 183 -6.51 -19.12 0.41
N MET A 184 -5.73 -18.20 -0.11
CA MET A 184 -5.78 -17.87 -1.51
C MET A 184 -4.47 -18.34 -2.12
N PHE A 185 -4.53 -18.86 -3.33
CA PHE A 185 -3.33 -19.31 -4.05
C PHE A 185 -3.41 -18.84 -5.49
N ASP A 186 -2.26 -18.60 -6.12
CA ASP A 186 -2.18 -18.49 -7.59
C ASP A 186 -2.63 -19.77 -8.27
N ASP A 187 -3.25 -19.60 -9.44
CA ASP A 187 -3.78 -20.75 -10.16
C ASP A 187 -2.79 -21.10 -11.24
N PRO A 188 -2.18 -22.31 -11.14
CA PRO A 188 -1.08 -22.61 -12.08
C PRO A 188 -1.58 -22.62 -13.53
N ARG A 189 -2.73 -23.23 -13.74
CA ARG A 189 -3.38 -23.24 -15.05
C ARG A 189 -3.56 -21.84 -15.63
N ASN A 190 -3.74 -20.85 -14.75
CA ASN A 190 -4.22 -19.50 -15.13
C ASN A 190 -3.32 -18.36 -14.62
N LYS A 191 -2.71 -17.62 -15.54
CA LYS A 191 -1.84 -16.50 -15.16
C LYS A 191 -2.51 -15.43 -14.26
N ARG A 192 -3.66 -14.89 -14.71
CA ARG A 192 -4.32 -13.82 -13.96
C ARG A 192 -5.40 -14.33 -12.97
N GLY A 193 -5.22 -15.54 -12.47
CA GLY A 193 -6.25 -16.26 -11.70
C GLY A 193 -5.76 -16.63 -10.30
N VAL A 194 -6.70 -16.85 -9.41
CA VAL A 194 -6.38 -17.29 -8.06
C VAL A 194 -7.30 -18.45 -7.75
N ILE A 195 -6.85 -19.39 -6.91
CA ILE A 195 -7.76 -20.38 -6.34
C ILE A 195 -8.02 -20.07 -4.87
N ILE A 196 -9.28 -20.11 -4.47
CA ILE A 196 -9.66 -19.87 -3.08
C ILE A 196 -10.00 -21.19 -2.44
N LYS A 197 -9.05 -21.71 -1.66
CA LYS A 197 -9.26 -23.01 -1.08
C LYS A 197 -10.42 -22.98 -0.11
N GLY A 198 -11.37 -23.88 -0.33
CA GLY A 198 -12.49 -24.12 0.58
C GLY A 198 -13.75 -23.35 0.25
N LEU A 199 -13.67 -22.40 -0.70
CA LEU A 199 -14.81 -21.54 -1.04
C LEU A 199 -15.93 -22.42 -1.55
N GLU A 200 -17.06 -22.40 -0.86
CA GLU A 200 -18.25 -23.16 -1.27
C GLU A 200 -18.95 -22.60 -2.51
N GLU A 201 -19.19 -23.49 -3.47
CA GLU A 201 -20.09 -23.17 -4.56
C GLU A 201 -21.39 -23.91 -4.38
N ILE A 202 -22.49 -23.17 -4.33
CA ILE A 202 -23.79 -23.78 -4.16
C ILE A 202 -24.58 -23.78 -5.47
N THR A 203 -25.18 -24.92 -5.78
CA THR A 203 -25.95 -25.08 -7.02
C THR A 203 -27.37 -24.65 -6.70
N VAL A 204 -27.88 -23.75 -7.53
CA VAL A 204 -29.24 -23.27 -7.43
C VAL A 204 -29.96 -23.99 -8.56
N HIS A 205 -30.81 -24.96 -8.22
CA HIS A 205 -31.36 -25.88 -9.22
C HIS A 205 -32.53 -25.26 -9.94
N ASN A 206 -33.18 -24.30 -9.29
CA ASN A 206 -34.34 -23.64 -9.87
C ASN A 206 -34.63 -22.39 -9.06
N LYS A 207 -35.59 -21.58 -9.49
CA LYS A 207 -35.81 -20.27 -8.92
C LYS A 207 -36.33 -20.37 -7.49
N ASP A 208 -36.96 -21.49 -7.15
CA ASP A 208 -37.50 -21.65 -5.80
C ASP A 208 -36.49 -22.06 -4.72
N GLU A 209 -35.23 -22.22 -5.09
CA GLU A 209 -34.17 -22.49 -4.12
C GLU A 209 -33.43 -21.20 -3.81
N VAL A 210 -33.72 -20.15 -4.58
CA VAL A 210 -32.97 -18.88 -4.51
C VAL A 210 -33.02 -18.22 -3.14
N TYR A 211 -34.22 -18.01 -2.62
CA TYR A 211 -34.38 -17.16 -1.45
C TYR A 211 -33.70 -17.73 -0.19
N GLN A 212 -33.81 -19.04 -0.02
CA GLN A 212 -33.37 -19.72 1.17
C GLN A 212 -31.85 -19.63 1.24
N ILE A 213 -31.22 -19.62 0.07
CA ILE A 213 -29.77 -19.54 -0.02
C ILE A 213 -29.33 -18.14 0.37
N LEU A 214 -30.03 -17.12 -0.13
CA LEU A 214 -29.75 -15.76 0.27
C LEU A 214 -29.89 -15.58 1.77
N GLU A 215 -30.94 -16.16 2.37
CA GLU A 215 -31.16 -16.09 3.82
C GLU A 215 -29.99 -16.61 4.67
N LYS A 216 -29.41 -17.71 4.25
CA LYS A 216 -28.22 -18.26 4.87
C LYS A 216 -27.07 -17.27 4.87
N GLY A 217 -26.88 -16.57 3.77
CA GLY A 217 -25.91 -15.47 3.70
C GLY A 217 -26.16 -14.45 4.80
N ALA A 218 -27.40 -13.98 4.86
CA ALA A 218 -27.79 -12.93 5.78
C ALA A 218 -27.52 -13.36 7.22
N ALA A 219 -27.83 -14.61 7.55
CA ALA A 219 -27.61 -15.13 8.92
C ALA A 219 -26.10 -15.18 9.25
N LYS A 220 -25.30 -15.76 8.35
CA LYS A 220 -23.89 -15.71 8.49
C LYS A 220 -23.40 -14.25 8.64
N ARG A 221 -23.98 -13.30 7.91
CA ARG A 221 -23.54 -11.93 8.02
C ARG A 221 -23.79 -11.35 9.41
N THR A 222 -24.86 -11.79 10.06
CA THR A 222 -25.19 -11.35 11.41
C THR A 222 -24.19 -11.81 12.45
N THR A 223 -23.85 -13.10 12.43
CA THR A 223 -22.72 -13.64 13.17
C THR A 223 -21.44 -12.85 12.94
N ALA A 224 -21.10 -12.59 11.67
CA ALA A 224 -19.89 -11.86 11.34
C ALA A 224 -19.86 -10.53 12.05
N ALA A 225 -20.99 -9.83 11.98
CA ALA A 225 -21.10 -8.50 12.60
C ALA A 225 -20.86 -8.55 14.08
N THR A 226 -21.24 -9.68 14.69
CA THR A 226 -21.11 -9.83 16.12
C THR A 226 -19.62 -9.99 16.44
N LEU A 227 -18.94 -10.80 15.65
CA LEU A 227 -17.55 -11.14 15.87
C LEU A 227 -16.58 -10.05 15.44
N MET A 228 -16.92 -9.22 14.47
CA MET A 228 -15.90 -8.33 13.90
C MET A 228 -16.33 -6.88 13.88
N ASN A 229 -15.47 -5.95 14.34
CA ASN A 229 -15.86 -4.56 14.54
C ASN A 229 -16.25 -3.92 13.21
N ALA A 230 -17.35 -3.16 13.21
CA ALA A 230 -17.82 -2.48 12.01
C ALA A 230 -17.83 -3.38 10.77
N TYR A 231 -18.15 -4.63 10.93
CA TYR A 231 -18.04 -5.59 9.82
C TYR A 231 -18.72 -5.19 8.49
N SER A 232 -19.95 -4.70 8.59
CA SER A 232 -20.75 -4.44 7.39
C SER A 232 -20.28 -3.22 6.64
N SER A 233 -19.54 -2.36 7.33
CA SER A 233 -19.02 -1.14 6.73
C SER A 233 -17.49 -1.13 6.71
N ARG A 234 -16.91 -2.30 6.45
CA ARG A 234 -15.46 -2.44 6.40
C ARG A 234 -15.05 -3.67 5.62
N SER A 235 -16.01 -4.55 5.35
CA SER A 235 -15.74 -5.77 4.60
C SER A 235 -16.30 -5.68 3.18
N HIS A 236 -15.54 -6.20 2.23
CA HIS A 236 -15.95 -6.18 0.82
C HIS A 236 -16.61 -7.52 0.61
N SER A 237 -17.69 -7.55 -0.15
CA SER A 237 -18.35 -8.80 -0.42
C SER A 237 -18.36 -9.03 -1.93
N VAL A 238 -17.95 -10.23 -2.33
CA VAL A 238 -18.00 -10.60 -3.74
C VAL A 238 -19.00 -11.75 -3.93
N PHE A 239 -20.19 -11.42 -4.43
CA PHE A 239 -21.23 -12.44 -4.65
C PHE A 239 -21.05 -12.88 -6.10
N SER A 240 -20.79 -14.16 -6.34
CA SER A 240 -20.60 -14.67 -7.71
C SER A 240 -21.72 -15.59 -8.17
N VAL A 241 -22.06 -15.43 -9.46
CA VAL A 241 -22.91 -16.31 -10.23
C VAL A 241 -22.14 -16.86 -11.44
N THR A 242 -22.00 -18.19 -11.47
CA THR A 242 -21.49 -18.92 -12.62
C THR A 242 -22.64 -19.67 -13.33
N ILE A 243 -22.83 -19.37 -14.62
CA ILE A 243 -23.82 -20.06 -15.46
C ILE A 243 -23.13 -20.87 -16.56
N HIS A 244 -23.24 -22.19 -16.47
CA HIS A 244 -22.62 -23.14 -17.41
CA HIS A 244 -22.62 -23.07 -17.46
C HIS A 244 -23.72 -23.45 -18.43
N MET A 245 -23.46 -23.15 -19.70
CA MET A 245 -24.53 -23.27 -20.70
CA MET A 245 -24.53 -23.25 -20.70
C MET A 245 -24.16 -24.24 -21.80
N LYS A 246 -25.13 -24.99 -22.27
CA LYS A 246 -24.87 -25.91 -23.38
C LYS A 246 -26.02 -25.90 -24.39
N GLU A 247 -25.70 -25.67 -25.65
CA GLU A 247 -26.69 -25.75 -26.73
C GLU A 247 -26.33 -26.88 -27.69
N THR A 248 -27.35 -27.46 -28.29
CA THR A 248 -27.18 -28.51 -29.29
C THR A 248 -27.70 -27.99 -30.63
N THR A 249 -26.86 -28.15 -31.65
CA THR A 249 -27.24 -27.78 -33.01
C THR A 249 -28.24 -28.80 -33.59
N ILE A 250 -28.79 -28.43 -34.73
CA ILE A 250 -29.68 -29.28 -35.54
C ILE A 250 -28.94 -30.57 -35.90
N ASP A 251 -27.62 -30.46 -36.01
CA ASP A 251 -26.71 -31.61 -36.25
C ASP A 251 -26.22 -32.33 -35.01
N GLY A 252 -26.77 -32.04 -33.83
CA GLY A 252 -26.39 -32.75 -32.61
C GLY A 252 -25.04 -32.35 -32.02
N GLU A 253 -24.44 -31.30 -32.57
CA GLU A 253 -23.19 -30.77 -32.03
C GLU A 253 -23.47 -29.94 -30.77
N GLU A 254 -22.58 -30.05 -29.79
CA GLU A 254 -22.69 -29.28 -28.54
C GLU A 254 -21.91 -27.95 -28.58
N LEU A 255 -22.57 -26.88 -28.13
CA LEU A 255 -21.91 -25.57 -28.04
C LEU A 255 -21.92 -25.16 -26.58
N VAL A 256 -20.75 -24.77 -26.07
CA VAL A 256 -20.54 -24.46 -24.65
C VAL A 256 -20.24 -22.96 -24.40
N LYS A 257 -20.96 -22.34 -23.47
CA LYS A 257 -20.66 -20.96 -23.05
C LYS A 257 -20.64 -20.99 -21.54
N ILE A 258 -19.65 -20.34 -20.97
CA ILE A 258 -19.61 -20.18 -19.53
C ILE A 258 -19.64 -18.69 -19.23
N GLY A 259 -20.61 -18.25 -18.45
CA GLY A 259 -20.59 -16.88 -17.97
C GLY A 259 -20.50 -16.75 -16.46
N LYS A 260 -19.61 -15.85 -16.04
CA LYS A 260 -19.45 -15.52 -14.64
C LYS A 260 -19.79 -14.03 -14.42
N LEU A 261 -20.63 -13.77 -13.41
CA LEU A 261 -20.95 -12.42 -12.95
C LEU A 261 -20.46 -12.23 -11.53
N ASN A 262 -19.70 -11.17 -11.27
CA ASN A 262 -19.41 -10.77 -9.90
C ASN A 262 -20.19 -9.51 -9.51
N LEU A 263 -20.86 -9.60 -8.38
CA LEU A 263 -21.55 -8.44 -7.82
C LEU A 263 -20.81 -8.05 -6.55
N VAL A 264 -20.12 -6.91 -6.65
CA VAL A 264 -19.21 -6.52 -5.60
C VAL A 264 -19.73 -5.34 -4.78
N ASP A 265 -19.94 -5.55 -3.48
CA ASP A 265 -20.41 -4.51 -2.56
C ASP A 265 -19.16 -4.11 -1.78
N LEU A 266 -18.51 -3.00 -2.15
CA LEU A 266 -17.22 -2.58 -1.58
C LEU A 266 -17.35 -2.00 -0.16
N ALA A 267 -16.24 -2.01 0.59
CA ALA A 267 -16.18 -1.28 1.87
C ALA A 267 -16.48 0.18 1.67
N GLY A 268 -17.05 0.83 2.69
CA GLY A 268 -17.37 2.25 2.60
C GLY A 268 -16.12 3.06 2.35
N SER A 269 -16.25 4.04 1.45
CA SER A 269 -15.11 4.82 0.97
C SER A 269 -14.66 5.93 1.91
N GLU A 270 -15.41 6.19 2.97
CA GLU A 270 -15.22 7.33 3.88
C GLU A 270 -13.91 7.39 4.67
N ASN A 271 -13.33 8.60 4.75
CA ASN A 271 -12.28 8.95 5.74
C ASN A 271 -11.82 10.40 5.63
N ASN A 287 -10.47 1.66 9.85
CA ASN A 287 -9.57 2.35 8.93
C ASN A 287 -8.31 1.56 8.65
N ILE A 288 -7.75 1.74 7.46
CA ILE A 288 -6.53 1.04 7.07
C ILE A 288 -6.84 -0.09 6.09
N ASN A 289 -7.97 0.03 5.40
CA ASN A 289 -8.38 -0.98 4.44
C ASN A 289 -7.40 -1.17 3.27
N GLN A 290 -6.52 -2.16 3.37
CA GLN A 290 -5.54 -2.39 2.34
C GLN A 290 -6.17 -2.67 0.98
N SER A 291 -7.27 -3.41 0.94
CA SER A 291 -7.94 -3.69 -0.31
C SER A 291 -8.52 -2.42 -0.90
N LEU A 292 -9.16 -1.58 -0.08
CA LEU A 292 -9.69 -0.34 -0.62
C LEU A 292 -8.58 0.63 -1.05
N LEU A 293 -7.50 0.74 -0.28
CA LEU A 293 -6.38 1.53 -0.71
C LEU A 293 -5.84 0.96 -2.00
N THR A 294 -5.69 -0.36 -2.10
CA THR A 294 -5.12 -0.89 -3.31
C THR A 294 -5.98 -0.65 -4.54
N LEU A 295 -7.30 -0.69 -4.39
CA LEU A 295 -8.20 -0.52 -5.52
C LEU A 295 -8.01 0.86 -6.13
N GLY A 296 -7.93 1.86 -5.26
CA GLY A 296 -7.68 3.23 -5.70
C GLY A 296 -6.36 3.35 -6.44
N ARG A 297 -5.36 2.57 -6.03
CA ARG A 297 -4.04 2.69 -6.62
C ARG A 297 -4.01 1.93 -7.93
N VAL A 298 -4.83 0.88 -8.01
CA VAL A 298 -4.93 0.12 -9.27
C VAL A 298 -5.63 0.98 -10.34
N ILE A 299 -6.63 1.73 -9.92
CA ILE A 299 -7.32 2.63 -10.83
C ILE A 299 -6.40 3.77 -11.27
N THR A 300 -5.67 4.38 -10.34
CA THR A 300 -4.68 5.39 -10.71
C THR A 300 -3.67 4.86 -11.72
N ALA A 301 -3.11 3.68 -11.45
CA ALA A 301 -2.12 3.15 -12.40
C ALA A 301 -2.74 2.90 -13.78
N LEU A 302 -3.99 2.44 -13.81
CA LEU A 302 -4.64 2.10 -15.08
C LEU A 302 -4.94 3.33 -15.90
N VAL A 303 -5.54 4.36 -15.28
CA VAL A 303 -5.90 5.58 -16.00
C VAL A 303 -4.70 6.42 -16.41
N GLU A 304 -3.56 6.24 -15.73
CA GLU A 304 -2.32 6.96 -16.02
C GLU A 304 -1.41 6.17 -16.96
N ARG A 305 -1.87 4.99 -17.40
CA ARG A 305 -1.18 4.17 -18.40
C ARG A 305 0.20 3.70 -17.96
N THR A 306 0.53 3.90 -16.69
CA THR A 306 1.75 3.37 -16.12
C THR A 306 1.72 1.81 -16.13
N PRO A 307 2.85 1.16 -16.47
CA PRO A 307 3.00 -0.28 -16.84
C PRO A 307 2.88 -1.31 -15.72
N HIS A 308 3.35 -0.93 -14.53
CA HIS A 308 3.14 -1.74 -13.35
C HIS A 308 1.82 -1.35 -12.68
N VAL A 309 0.90 -2.32 -12.62
CA VAL A 309 -0.32 -2.17 -11.86
C VAL A 309 -0.28 -3.07 -10.62
N PRO A 310 -0.57 -2.49 -9.43
CA PRO A 310 -0.30 -3.19 -8.17
C PRO A 310 -1.40 -4.11 -7.68
N TYR A 311 -1.94 -4.91 -8.58
CA TYR A 311 -2.93 -5.93 -8.28
C TYR A 311 -2.61 -6.76 -7.07
N ARG A 312 -1.35 -7.13 -6.89
CA ARG A 312 -0.97 -8.18 -5.93
C ARG A 312 -0.82 -7.60 -4.52
N GLU A 313 -0.84 -6.28 -4.42
CA GLU A 313 -0.81 -5.62 -3.12
C GLU A 313 -2.06 -5.73 -2.22
N SER A 314 -3.10 -6.46 -2.65
CA SER A 314 -4.26 -6.74 -1.84
C SER A 314 -5.06 -7.92 -2.38
N LYS A 315 -5.78 -8.56 -1.48
CA LYS A 315 -6.64 -9.68 -1.83
C LYS A 315 -7.79 -9.31 -2.75
N LEU A 316 -8.41 -8.15 -2.54
CA LEU A 316 -9.52 -7.72 -3.42
C LEU A 316 -9.07 -7.58 -4.88
N THR A 317 -7.91 -6.97 -5.08
CA THR A 317 -7.46 -6.70 -6.45
C THR A 317 -6.77 -7.94 -7.08
N ARG A 318 -6.26 -8.88 -6.30
CA ARG A 318 -5.85 -10.17 -6.86
C ARG A 318 -7.05 -10.98 -7.37
N ILE A 319 -8.13 -10.96 -6.58
CA ILE A 319 -9.33 -11.69 -6.93
C ILE A 319 -10.01 -11.05 -8.15
N LEU A 320 -10.08 -9.73 -8.23
CA LEU A 320 -10.88 -9.06 -9.24
C LEU A 320 -10.00 -8.48 -10.32
N GLN A 321 -8.74 -8.87 -10.31
CA GLN A 321 -7.78 -8.55 -11.35
C GLN A 321 -8.35 -8.41 -12.78
N ASP A 322 -9.00 -9.46 -13.26
CA ASP A 322 -9.56 -9.44 -14.62
C ASP A 322 -10.66 -8.38 -14.82
N SER A 323 -11.27 -7.89 -13.74
CA SER A 323 -12.24 -6.81 -13.84
C SER A 323 -11.64 -5.43 -13.96
N LEU A 324 -10.38 -5.27 -13.60
CA LEU A 324 -9.77 -3.95 -13.74
C LEU A 324 -8.70 -3.92 -14.86
N GLY A 325 -9.10 -3.47 -16.05
CA GLY A 325 -8.26 -3.41 -17.24
C GLY A 325 -7.97 -4.77 -17.84
N GLY A 326 -8.85 -5.73 -17.64
CA GLY A 326 -8.60 -7.10 -18.15
C GLY A 326 -9.67 -7.46 -19.16
N ARG A 327 -10.11 -8.73 -19.14
CA ARG A 327 -11.04 -9.23 -20.15
C ARG A 327 -12.52 -9.39 -19.71
N THR A 328 -12.85 -8.79 -18.57
CA THR A 328 -14.21 -8.81 -18.02
C THR A 328 -14.92 -7.50 -18.39
N ARG A 329 -16.20 -7.55 -18.75
CA ARG A 329 -16.93 -6.29 -18.89
CA ARG A 329 -17.00 -6.32 -18.88
C ARG A 329 -17.19 -5.78 -17.47
N THR A 330 -17.15 -4.47 -17.26
CA THR A 330 -17.15 -3.99 -15.88
C THR A 330 -17.98 -2.73 -15.78
N SER A 331 -18.89 -2.69 -14.79
CA SER A 331 -19.60 -1.46 -14.41
C SER A 331 -19.31 -1.05 -12.96
N ILE A 332 -19.24 0.26 -12.75
CA ILE A 332 -19.26 0.82 -11.41
C ILE A 332 -20.52 1.66 -11.15
N ILE A 333 -21.21 1.32 -10.05
CA ILE A 333 -22.27 2.12 -9.47
C ILE A 333 -21.76 2.88 -8.24
N ALA A 334 -21.67 4.19 -8.38
CA ALA A 334 -21.15 5.10 -7.37
C ALA A 334 -22.36 5.66 -6.67
N THR A 335 -22.48 5.43 -5.37
CA THR A 335 -23.66 5.84 -4.65
C THR A 335 -23.30 7.09 -3.85
N ILE A 336 -24.16 8.10 -3.95
CA ILE A 336 -23.99 9.37 -3.24
C ILE A 336 -25.18 9.77 -2.30
N SER A 337 -25.01 10.85 -1.55
CA SER A 337 -25.99 11.28 -0.55
C SER A 337 -26.49 12.65 -0.95
N PRO A 338 -27.81 12.93 -0.76
CA PRO A 338 -28.38 14.25 -1.15
C PRO A 338 -28.12 15.40 -0.14
N ALA A 339 -27.58 15.05 1.02
CA ALA A 339 -27.45 15.94 2.19
C ALA A 339 -26.12 16.70 2.20
N SER A 340 -26.18 17.97 2.63
CA SER A 340 -25.03 18.86 2.61
C SER A 340 -24.00 18.47 3.67
N LEU A 341 -24.43 17.76 4.69
CA LEU A 341 -23.51 17.24 5.72
C LEU A 341 -22.49 16.31 5.07
N ASN A 342 -22.86 15.74 3.93
CA ASN A 342 -22.07 14.70 3.30
C ASN A 342 -21.31 15.24 2.12
N LEU A 343 -21.27 16.57 2.02
CA LEU A 343 -20.60 17.23 0.89
C LEU A 343 -19.23 16.70 0.49
N GLU A 344 -18.26 16.78 1.37
CA GLU A 344 -16.90 16.42 0.98
C GLU A 344 -16.83 15.00 0.44
N GLU A 345 -17.50 14.08 1.11
CA GLU A 345 -17.45 12.68 0.72
C GLU A 345 -18.22 12.42 -0.58
N THR A 346 -19.24 13.21 -0.85
CA THR A 346 -19.98 13.10 -2.09
C THR A 346 -19.10 13.56 -3.25
N LEU A 347 -18.41 14.68 -3.03
CA LEU A 347 -17.39 15.13 -3.97
C LEU A 347 -16.29 14.10 -4.17
N SER A 348 -15.71 13.60 -3.09
CA SER A 348 -14.67 12.59 -3.22
CA SER A 348 -14.67 12.59 -3.25
C SER A 348 -15.12 11.42 -4.09
N THR A 349 -16.31 10.89 -3.81
CA THR A 349 -16.90 9.80 -4.61
C THR A 349 -17.05 10.10 -6.10
N LEU A 350 -17.54 11.28 -6.44
CA LEU A 350 -17.79 11.56 -7.85
C LEU A 350 -16.47 11.74 -8.61
N GLU A 351 -15.53 12.39 -7.93
CA GLU A 351 -14.17 12.56 -8.44
C GLU A 351 -13.53 11.19 -8.76
N TYR A 352 -13.72 10.24 -7.84
CA TYR A 352 -13.11 8.92 -7.94
C TYR A 352 -13.84 8.16 -8.99
N ALA A 353 -15.16 8.19 -8.96
CA ALA A 353 -15.92 7.52 -10.00
C ALA A 353 -15.58 8.11 -11.38
N HIS A 354 -15.46 9.44 -11.45
CA HIS A 354 -15.29 10.11 -12.73
C HIS A 354 -13.99 9.74 -13.44
N ARG A 355 -12.89 9.64 -12.71
CA ARG A 355 -11.66 9.18 -13.34
CA ARG A 355 -11.64 9.18 -13.29
C ARG A 355 -11.68 7.68 -13.66
N ALA A 356 -12.50 6.90 -12.95
CA ALA A 356 -12.58 5.47 -13.25
C ALA A 356 -13.10 5.21 -14.65
N LYS A 357 -13.84 6.17 -15.20
CA LYS A 357 -14.38 6.08 -16.56
C LYS A 357 -13.31 5.78 -17.60
N ASN A 358 -12.06 6.18 -17.33
CA ASN A 358 -10.97 6.01 -18.30
C ASN A 358 -10.32 4.62 -18.31
N ILE A 359 -10.91 3.64 -17.63
CA ILE A 359 -10.34 2.32 -17.61
C ILE A 359 -10.82 1.60 -18.85
N LEU A 360 -9.88 1.07 -19.60
CA LEU A 360 -10.17 0.30 -20.80
C LEU A 360 -10.01 -1.21 -20.53
N ASN A 361 -11.12 -1.93 -20.63
CA ASN A 361 -11.15 -3.37 -20.53
C ASN A 361 -11.37 -3.94 -21.94
N LYS A 362 -11.02 -5.21 -22.09
CA LYS A 362 -11.05 -5.90 -23.39
C LYS A 362 -11.93 -7.16 -23.31
N PRO A 363 -13.27 -6.98 -23.33
CA PRO A 363 -14.19 -8.10 -23.08
C PRO A 363 -14.08 -9.23 -24.12
N GLU A 364 -14.44 -10.44 -23.69
CA GLU A 364 -14.00 -11.72 -24.28
C GLU A 364 -12.94 -11.61 -25.38
N LYS B 17 13.50 23.16 7.59
CA LYS B 17 14.94 22.76 7.46
C LYS B 17 15.17 21.43 6.70
N ASN B 18 15.34 21.55 5.39
CA ASN B 18 15.39 20.43 4.43
C ASN B 18 16.23 19.21 4.79
N ILE B 19 15.64 18.03 4.59
CA ILE B 19 16.34 16.77 4.62
C ILE B 19 17.52 16.88 3.68
N GLN B 20 18.74 16.54 4.11
CA GLN B 20 19.93 16.55 3.24
C GLN B 20 20.15 15.24 2.53
N VAL B 21 20.38 15.30 1.22
CA VAL B 21 20.50 14.10 0.42
C VAL B 21 21.88 14.12 -0.23
N VAL B 22 22.56 12.98 -0.11
CA VAL B 22 23.91 12.73 -0.61
C VAL B 22 23.90 11.50 -1.53
N VAL B 23 24.72 11.50 -2.57
CA VAL B 23 24.85 10.35 -3.45
C VAL B 23 26.25 9.77 -3.35
N ARG B 24 26.35 8.46 -3.26
CA ARG B 24 27.67 7.85 -3.26
C ARG B 24 27.72 6.74 -4.32
N CYS B 25 28.53 6.96 -5.34
CA CYS B 25 28.73 5.97 -6.37
C CYS B 25 29.82 5.02 -5.90
N ARG B 26 29.60 3.73 -6.10
CA ARG B 26 30.63 2.74 -5.80
C ARG B 26 31.53 2.49 -7.03
N PRO B 27 32.77 2.04 -6.80
CA PRO B 27 33.67 1.73 -7.91
C PRO B 27 33.27 0.41 -8.53
N PHE B 28 33.70 0.21 -9.78
CA PHE B 28 33.80 -1.12 -10.41
C PHE B 28 34.57 -2.14 -9.55
N ASN B 29 34.02 -3.35 -9.37
CA ASN B 29 34.71 -4.49 -8.73
C ASN B 29 35.75 -5.18 -9.67
N LEU B 30 36.36 -6.30 -9.25
CA LEU B 30 37.40 -6.99 -10.07
C LEU B 30 36.86 -7.42 -11.44
N ALA B 31 35.76 -8.16 -11.43
CA ALA B 31 35.06 -8.63 -12.63
C ALA B 31 34.75 -7.54 -13.67
N GLU B 32 34.49 -6.33 -13.19
CA GLU B 32 34.11 -5.22 -14.05
C GLU B 32 35.33 -4.54 -14.67
N ARG B 33 36.44 -4.46 -13.92
CA ARG B 33 37.71 -4.03 -14.51
C ARG B 33 38.13 -4.96 -15.66
N LYS B 34 38.06 -6.27 -15.42
CA LYS B 34 38.45 -7.28 -16.41
C LYS B 34 37.62 -7.21 -17.69
N ALA B 35 36.31 -6.96 -17.55
CA ALA B 35 35.40 -6.79 -18.68
C ALA B 35 35.61 -5.43 -19.36
N SER B 36 36.67 -4.74 -18.92
CA SER B 36 36.94 -3.33 -19.22
C SER B 36 35.70 -2.42 -19.25
N ALA B 37 34.99 -2.34 -18.12
CA ALA B 37 33.74 -1.57 -18.03
C ALA B 37 33.98 -0.05 -18.04
N HIS B 38 33.12 0.66 -18.78
CA HIS B 38 33.14 2.12 -18.76
C HIS B 38 31.90 2.66 -18.00
N SER B 39 32.19 3.53 -17.03
CA SER B 39 31.22 4.14 -16.14
C SER B 39 30.19 4.90 -16.96
N ILE B 40 28.93 4.79 -16.60
CA ILE B 40 27.93 5.65 -17.20
C ILE B 40 27.65 6.86 -16.31
N VAL B 41 28.38 6.91 -15.21
CA VAL B 41 28.15 7.88 -14.17
C VAL B 41 29.36 8.79 -14.01
N GLU B 42 29.12 10.09 -13.98
CA GLU B 42 30.19 11.03 -13.65
C GLU B 42 29.78 11.88 -12.48
N CYS B 43 30.66 11.97 -11.49
CA CYS B 43 30.43 12.77 -10.30
C CYS B 43 31.36 13.98 -10.30
N ASP B 44 30.80 15.11 -9.91
CA ASP B 44 31.51 16.36 -9.84
C ASP B 44 31.16 16.98 -8.48
N PRO B 45 31.91 16.60 -7.45
CA PRO B 45 31.62 16.92 -6.05
C PRO B 45 31.64 18.40 -5.84
N VAL B 46 32.44 19.13 -6.61
CA VAL B 46 32.50 20.55 -6.39
C VAL B 46 31.22 21.29 -6.83
N ARG B 47 30.70 20.94 -8.00
CA ARG B 47 29.39 21.43 -8.41
C ARG B 47 28.25 20.59 -7.80
N LYS B 48 28.60 19.53 -7.07
CA LYS B 48 27.62 18.68 -6.41
C LYS B 48 26.67 17.99 -7.39
N GLU B 49 27.14 17.69 -8.59
CA GLU B 49 26.27 17.12 -9.60
C GLU B 49 26.62 15.67 -9.82
N VAL B 50 25.63 14.90 -10.26
CA VAL B 50 25.85 13.60 -10.83
C VAL B 50 25.27 13.63 -12.21
N SER B 51 26.03 13.08 -13.16
CA SER B 51 25.60 13.01 -14.56
C SER B 51 25.57 11.56 -15.02
N VAL B 52 24.48 11.16 -15.67
CA VAL B 52 24.27 9.78 -16.12
C VAL B 52 24.05 9.75 -17.63
N ARG B 53 24.85 8.95 -18.29
CA ARG B 53 24.76 8.72 -19.72
C ARG B 53 23.55 7.79 -19.90
N THR B 54 22.50 8.33 -20.54
CA THR B 54 21.20 7.68 -20.53
C THR B 54 20.92 6.94 -21.82
N GLY B 55 21.54 7.38 -22.91
CA GLY B 55 21.20 6.81 -24.20
C GLY B 55 22.43 6.06 -24.65
N GLY B 56 23.59 6.68 -24.41
CA GLY B 56 24.87 6.17 -24.92
C GLY B 56 25.15 6.53 -26.38
N LEU B 57 26.29 6.03 -26.83
CA LEU B 57 26.59 5.68 -28.24
C LEU B 57 28.04 6.06 -28.60
N ALA B 58 28.80 6.23 -27.45
CA ALA B 58 30.28 6.02 -27.49
C ALA B 58 31.29 6.99 -28.15
N ASP B 59 30.79 8.10 -28.71
CA ASP B 59 31.51 9.31 -29.14
CA ASP B 59 31.57 9.25 -29.21
C ASP B 59 30.63 10.51 -28.80
N LYS B 60 29.35 10.22 -28.55
CA LYS B 60 28.29 11.19 -28.25
C LYS B 60 27.08 10.53 -27.57
N SER B 61 26.13 11.37 -27.15
CA SER B 61 25.10 10.85 -26.29
C SER B 61 24.40 11.91 -25.47
N SER B 62 23.23 11.56 -24.96
CA SER B 62 22.53 12.36 -23.97
C SER B 62 22.84 11.93 -22.55
N ARG B 63 22.62 12.85 -21.61
CA ARG B 63 22.95 12.64 -20.21
C ARG B 63 21.77 13.16 -19.42
N LYS B 64 21.57 12.64 -18.21
CA LYS B 64 20.73 13.30 -17.24
C LYS B 64 21.53 13.71 -16.00
N THR B 65 21.34 14.94 -15.52
CA THR B 65 22.16 15.48 -14.45
C THR B 65 21.29 15.88 -13.27
N TYR B 66 21.83 15.69 -12.06
CA TYR B 66 21.13 15.97 -10.83
C TYR B 66 22.08 16.71 -9.88
N THR B 67 21.54 17.65 -9.12
CA THR B 67 22.31 18.35 -8.10
C THR B 67 21.80 17.86 -6.77
N PHE B 68 22.74 17.54 -5.86
CA PHE B 68 22.40 17.07 -4.52
C PHE B 68 23.04 17.95 -3.48
N ASP B 69 22.90 17.60 -2.21
CA ASP B 69 23.61 18.35 -1.21
C ASP B 69 25.12 18.00 -1.19
N MET B 70 25.45 16.73 -1.45
CA MET B 70 26.82 16.24 -1.71
C MET B 70 26.82 15.03 -2.67
N VAL B 71 27.91 14.89 -3.38
CA VAL B 71 28.13 13.82 -4.33
C VAL B 71 29.54 13.29 -4.08
N PHE B 72 29.63 11.98 -3.87
CA PHE B 72 30.87 11.27 -3.65
C PHE B 72 31.01 10.25 -4.76
N GLY B 73 32.13 10.34 -5.48
CA GLY B 73 32.37 9.52 -6.66
C GLY B 73 33.01 8.24 -6.17
N ALA B 74 33.34 7.40 -7.15
CA ALA B 74 33.91 6.06 -6.94
C ALA B 74 35.17 6.00 -6.09
N SER B 75 36.04 7.00 -6.23
CA SER B 75 37.27 7.09 -5.46
C SER B 75 37.08 7.47 -3.99
N THR B 76 35.86 7.87 -3.59
CA THR B 76 35.55 8.13 -2.18
C THR B 76 35.81 6.98 -1.19
N LYS B 77 36.55 7.26 -0.13
CA LYS B 77 36.87 6.28 0.89
C LYS B 77 35.97 6.46 2.11
N GLN B 78 36.00 5.47 3.01
CA GLN B 78 35.12 5.49 4.15
C GLN B 78 35.35 6.73 5.02
N ILE B 79 36.59 7.16 5.17
CA ILE B 79 36.90 8.28 6.07
C ILE B 79 36.52 9.60 5.41
N ASP B 80 36.47 9.67 4.08
CA ASP B 80 35.87 10.84 3.46
C ASP B 80 34.39 11.03 3.86
N VAL B 81 33.62 9.95 3.79
CA VAL B 81 32.18 9.99 4.08
C VAL B 81 32.06 10.36 5.57
N TYR B 82 32.92 9.77 6.38
CA TYR B 82 32.83 10.04 7.79
C TYR B 82 33.08 11.52 8.18
N ARG B 83 34.14 12.11 7.63
CA ARG B 83 34.55 13.46 7.96
C ARG B 83 33.56 14.48 7.47
N SER B 84 32.98 14.20 6.30
CA SER B 84 32.07 15.10 5.61
C SER B 84 30.62 14.99 6.04
N VAL B 85 30.16 13.80 6.28
CA VAL B 85 28.77 13.61 6.56
C VAL B 85 28.49 13.35 8.01
N VAL B 86 29.17 12.37 8.60
CA VAL B 86 28.75 11.78 9.86
C VAL B 86 29.19 12.63 11.05
N CYS B 87 30.45 13.07 11.03
CA CYS B 87 31.04 13.86 12.13
C CYS B 87 30.14 15.07 12.51
N PRO B 88 29.69 15.86 11.53
CA PRO B 88 28.82 16.99 11.87
C PRO B 88 27.45 16.61 12.44
N ILE B 89 26.87 15.55 11.89
CA ILE B 89 25.67 14.97 12.41
C ILE B 89 25.93 14.43 13.81
N LEU B 90 27.07 13.80 14.01
CA LEU B 90 27.34 13.37 15.38
C LEU B 90 27.51 14.52 16.41
N ASP B 91 28.24 15.59 16.08
CA ASP B 91 28.34 16.76 16.98
C ASP B 91 26.92 17.23 17.31
N GLU B 92 26.03 17.23 16.33
CA GLU B 92 24.66 17.69 16.58
CA GLU B 92 24.68 17.68 16.60
C GLU B 92 23.95 16.71 17.55
N VAL B 93 24.16 15.42 17.34
CA VAL B 93 23.61 14.43 18.25
C VAL B 93 24.16 14.68 19.65
N ILE B 94 25.42 15.09 19.75
CA ILE B 94 26.07 15.24 21.05
C ILE B 94 25.64 16.50 21.83
N MET B 95 25.04 17.45 21.13
CA MET B 95 24.35 18.62 21.69
C MET B 95 22.92 18.36 22.14
N GLY B 96 22.44 17.12 21.98
CA GLY B 96 21.12 16.75 22.49
C GLY B 96 20.05 16.75 21.44
N TYR B 97 20.43 16.71 20.17
CA TYR B 97 19.48 16.49 19.08
C TYR B 97 19.22 15.00 18.74
N ASN B 98 18.11 14.76 18.07
CA ASN B 98 17.88 13.50 17.41
C ASN B 98 18.22 13.57 15.92
N CYS B 99 18.89 12.54 15.44
CA CYS B 99 19.32 12.51 14.04
C CYS B 99 19.12 11.11 13.46
N THR B 100 18.81 11.08 12.18
CA THR B 100 18.65 9.84 11.45
C THR B 100 19.47 9.94 10.16
N ILE B 101 20.04 8.82 9.76
CA ILE B 101 20.65 8.71 8.42
C ILE B 101 20.16 7.43 7.74
N PHE B 102 19.60 7.58 6.54
CA PHE B 102 19.17 6.42 5.76
C PHE B 102 20.21 6.09 4.70
N ALA B 103 20.26 4.82 4.34
CA ALA B 103 20.88 4.43 3.09
C ALA B 103 19.85 3.75 2.16
N TYR B 104 19.81 4.23 0.93
CA TYR B 104 18.83 3.89 -0.04
C TYR B 104 19.50 3.59 -1.37
N GLY B 105 19.10 2.51 -2.03
CA GLY B 105 19.61 2.18 -3.35
C GLY B 105 19.48 0.70 -3.67
N GLN B 106 19.78 0.32 -4.91
CA GLN B 106 19.52 -1.05 -5.26
C GLN B 106 20.56 -1.95 -4.57
N THR B 107 20.18 -3.20 -4.33
CA THR B 107 21.12 -4.23 -3.90
C THR B 107 22.40 -4.24 -4.74
N GLY B 108 23.57 -4.22 -4.11
CA GLY B 108 24.83 -4.27 -4.83
C GLY B 108 25.51 -2.91 -4.93
N THR B 109 24.83 -1.86 -4.48
CA THR B 109 25.39 -0.52 -4.57
C THR B 109 26.19 0.00 -3.36
N GLY B 110 26.10 -0.64 -2.20
CA GLY B 110 26.88 -0.23 -1.02
C GLY B 110 26.15 0.39 0.18
N LYS B 111 24.89 0.02 0.37
CA LYS B 111 24.14 0.50 1.51
C LYS B 111 24.83 -0.04 2.72
N THR B 112 25.04 -1.36 2.74
CA THR B 112 25.72 -2.02 3.88
C THR B 112 27.18 -1.61 4.04
N PHE B 113 27.88 -1.52 2.92
CA PHE B 113 29.23 -1.06 2.92
C PHE B 113 29.28 0.33 3.56
N THR B 114 28.31 1.20 3.26
CA THR B 114 28.38 2.54 3.83
C THR B 114 28.06 2.56 5.31
N MET B 115 27.05 1.79 5.67
CA MET B 115 26.53 1.88 7.02
C MET B 115 27.31 1.09 8.06
N GLU B 116 27.86 -0.04 7.64
CA GLU B 116 28.67 -0.86 8.52
C GLU B 116 30.10 -0.96 8.05
N GLY B 117 30.28 -1.12 6.74
CA GLY B 117 31.58 -1.43 6.14
C GLY B 117 31.99 -2.89 6.29
N GLU B 118 33.29 -3.11 6.06
CA GLU B 118 33.92 -4.43 5.93
C GLU B 118 35.24 -4.52 6.72
N ARG B 119 35.75 -5.74 6.86
CA ARG B 119 37.03 -5.93 7.49
C ARG B 119 38.06 -6.04 6.37
N SER B 120 39.20 -5.39 6.55
CA SER B 120 40.27 -5.54 5.60
C SER B 120 40.73 -6.99 5.68
N PRO B 121 41.14 -7.56 4.54
CA PRO B 121 41.56 -8.95 4.53
C PRO B 121 42.77 -9.27 5.44
N ASN B 122 42.82 -10.51 5.92
CA ASN B 122 44.05 -11.04 6.46
C ASN B 122 44.40 -10.45 7.81
N GLU B 123 43.40 -9.98 8.56
CA GLU B 123 43.66 -9.37 9.89
C GLU B 123 44.66 -8.22 9.87
N GLU B 124 44.66 -7.42 8.81
CA GLU B 124 45.63 -6.36 8.65
C GLU B 124 45.49 -5.25 9.70
N TYR B 125 44.29 -5.06 10.23
CA TYR B 125 43.93 -3.91 11.06
C TYR B 125 43.05 -4.37 12.20
N THR B 126 43.16 -3.65 13.31
CA THR B 126 42.15 -3.73 14.35
C THR B 126 40.92 -2.96 13.83
N TRP B 127 39.79 -3.16 14.51
CA TRP B 127 38.52 -2.70 13.99
C TRP B 127 38.40 -1.19 14.04
N GLU B 128 39.06 -0.60 15.03
CA GLU B 128 38.98 0.84 15.19
C GLU B 128 39.83 1.56 14.18
N GLU B 129 40.71 0.85 13.51
CA GLU B 129 41.70 1.46 12.60
C GLU B 129 41.42 1.05 11.13
N ASP B 130 40.60 0.03 10.91
CA ASP B 130 40.32 -0.46 9.55
C ASP B 130 39.78 0.61 8.61
N PRO B 131 40.47 0.86 7.51
CA PRO B 131 39.95 1.81 6.54
C PRO B 131 38.61 1.39 5.92
N LEU B 132 38.19 0.13 6.07
CA LEU B 132 36.95 -0.27 5.42
C LEU B 132 35.77 -0.10 6.36
N ALA B 133 36.04 0.22 7.63
CA ALA B 133 34.95 0.45 8.58
C ALA B 133 33.97 1.54 8.08
N GLY B 134 32.65 1.30 8.22
CA GLY B 134 31.66 2.26 7.80
C GLY B 134 31.11 3.07 8.98
N ILE B 135 29.86 3.51 8.87
CA ILE B 135 29.37 4.58 9.72
C ILE B 135 29.16 4.14 11.16
N ILE B 136 28.53 2.99 11.33
CA ILE B 136 28.22 2.49 12.65
C ILE B 136 29.45 2.30 13.58
N PRO B 137 30.44 1.47 13.18
CA PRO B 137 31.62 1.34 14.02
C PRO B 137 32.39 2.65 14.20
N ARG B 138 32.53 3.47 13.15
CA ARG B 138 33.25 4.77 13.30
C ARG B 138 32.57 5.67 14.33
N THR B 139 31.25 5.75 14.23
CA THR B 139 30.45 6.45 15.22
C THR B 139 30.65 6.00 16.66
N LEU B 140 30.51 4.71 16.94
CA LEU B 140 30.57 4.33 18.33
C LEU B 140 31.96 4.67 18.83
N HIS B 141 32.98 4.45 18.01
CA HIS B 141 34.35 4.68 18.42
C HIS B 141 34.55 6.18 18.70
N GLN B 142 34.06 7.04 17.80
CA GLN B 142 34.21 8.47 17.96
C GLN B 142 33.48 8.94 19.21
N ILE B 143 32.29 8.42 19.48
CA ILE B 143 31.52 8.83 20.66
C ILE B 143 32.39 8.74 21.91
N PHE B 144 33.07 7.62 22.12
CA PHE B 144 33.96 7.48 23.28
C PHE B 144 35.19 8.38 23.19
N GLU B 145 35.75 8.55 21.99
CA GLU B 145 36.87 9.46 21.81
C GLU B 145 36.48 10.92 22.07
N LYS B 146 35.26 11.32 21.79
CA LYS B 146 34.91 12.71 22.04
C LYS B 146 34.62 12.98 23.51
N LEU B 147 33.99 12.02 24.19
CA LEU B 147 33.45 12.27 25.52
C LEU B 147 34.33 11.79 26.67
N THR B 148 35.17 10.78 26.39
CA THR B 148 35.94 10.11 27.42
C THR B 148 36.86 11.14 28.09
N ASP B 149 36.65 11.29 29.40
CA ASP B 149 37.37 12.26 30.24
C ASP B 149 37.54 13.67 29.63
N ASN B 150 36.49 14.17 28.96
CA ASN B 150 36.45 15.57 28.53
C ASN B 150 35.45 16.38 29.36
N GLY B 151 35.35 16.06 30.64
CA GLY B 151 34.43 16.74 31.54
C GLY B 151 32.98 16.35 31.32
N THR B 152 32.75 15.07 31.00
CA THR B 152 31.39 14.57 30.70
C THR B 152 31.20 13.14 31.23
N GLU B 153 30.25 12.96 32.16
CA GLU B 153 29.68 11.63 32.40
C GLU B 153 28.62 11.39 31.31
N PHE B 154 28.58 10.16 30.80
CA PHE B 154 27.70 9.85 29.68
C PHE B 154 27.48 8.35 29.71
N SER B 155 26.39 7.90 29.11
CA SER B 155 26.22 6.48 28.86
C SER B 155 25.71 6.29 27.45
N VAL B 156 26.12 5.16 26.85
CA VAL B 156 25.75 4.79 25.49
C VAL B 156 24.95 3.47 25.51
N LYS B 157 23.77 3.53 24.89
CA LYS B 157 22.92 2.37 24.59
C LYS B 157 22.71 2.21 23.08
N VAL B 158 22.73 0.95 22.65
CA VAL B 158 22.52 0.62 21.27
C VAL B 158 21.37 -0.39 21.20
N SER B 159 20.66 -0.34 20.08
CA SER B 159 19.78 -1.42 19.74
C SER B 159 19.70 -1.57 18.22
N LEU B 160 19.27 -2.75 17.76
CA LEU B 160 19.21 -3.07 16.32
C LEU B 160 17.92 -3.81 16.05
N LEU B 161 17.08 -3.18 15.25
CA LEU B 161 15.75 -3.65 15.06
C LEU B 161 15.64 -3.84 13.57
N GLU B 162 15.21 -5.04 13.16
CA GLU B 162 15.09 -5.33 11.77
C GLU B 162 13.67 -5.69 11.41
N ILE B 163 13.27 -5.30 10.20
CA ILE B 163 11.93 -5.52 9.65
C ILE B 163 12.03 -6.36 8.38
N TYR B 164 11.22 -7.41 8.32
CA TYR B 164 11.26 -8.32 7.19
C TYR B 164 9.85 -8.88 7.09
N ASN B 165 9.24 -8.67 5.95
CA ASN B 165 7.85 -9.00 5.74
C ASN B 165 6.93 -8.44 6.82
N GLU B 166 7.16 -7.18 7.17
CA GLU B 166 6.38 -6.46 8.20
C GLU B 166 6.44 -7.09 9.57
N GLU B 167 7.49 -7.86 9.88
CA GLU B 167 7.69 -8.36 11.23
C GLU B 167 9.02 -7.85 11.81
N LEU B 168 9.04 -7.74 13.13
CA LEU B 168 10.13 -7.05 13.84
C LEU B 168 10.99 -8.05 14.55
N PHE B 169 12.29 -7.83 14.45
CA PHE B 169 13.28 -8.72 14.99
C PHE B 169 14.33 -7.86 15.71
N ASP B 170 14.90 -8.47 16.76
CA ASP B 170 15.89 -7.83 17.58
C ASP B 170 17.14 -8.59 17.31
N LEU B 171 18.07 -7.97 16.57
CA LEU B 171 19.36 -8.60 16.23
C LEU B 171 20.46 -8.53 17.29
N LEU B 172 20.22 -7.92 18.45
CA LEU B 172 21.34 -7.82 19.41
C LEU B 172 21.10 -8.55 20.73
N ASN B 173 19.89 -9.04 20.97
CA ASN B 173 19.56 -9.71 22.21
C ASN B 173 20.21 -11.10 22.24
N PRO B 174 21.26 -11.28 23.07
CA PRO B 174 22.07 -12.50 23.08
C PRO B 174 21.41 -13.71 23.76
N SER B 175 20.20 -13.53 24.27
CA SER B 175 19.46 -14.56 24.98
C SER B 175 18.19 -14.94 24.24
N SER B 176 17.95 -14.36 23.08
CA SER B 176 16.72 -14.74 22.38
C SER B 176 17.12 -15.23 20.99
N ASP B 177 16.29 -16.01 20.34
CA ASP B 177 16.63 -16.25 18.95
C ASP B 177 15.86 -15.32 18.02
N VAL B 178 16.47 -15.03 16.88
CA VAL B 178 15.78 -14.52 15.72
C VAL B 178 14.42 -14.80 15.04
N SER B 179 13.55 -15.65 15.56
CA SER B 179 12.40 -16.07 14.72
C SER B 179 11.46 -15.69 15.89
N GLU B 180 11.96 -15.10 16.97
CA GLU B 180 11.08 -14.56 18.01
CA GLU B 180 11.09 -14.57 18.01
C GLU B 180 10.76 -13.11 17.63
N ARG B 181 9.53 -12.86 17.22
CA ARG B 181 9.06 -11.57 16.74
C ARG B 181 8.60 -10.65 17.87
N LEU B 182 8.87 -9.37 17.75
CA LEU B 182 8.44 -8.37 18.72
C LEU B 182 7.12 -7.77 18.29
N GLN B 183 6.37 -7.27 19.27
CA GLN B 183 5.18 -6.52 18.96
C GLN B 183 5.40 -5.02 19.07
N MET B 184 4.62 -4.30 18.28
CA MET B 184 4.64 -2.84 18.28
C MET B 184 3.25 -2.35 18.65
N PHE B 185 3.23 -1.33 19.51
CA PHE B 185 2.02 -0.67 20.04
C PHE B 185 2.19 0.82 19.94
N ASP B 186 1.09 1.57 19.97
CA ASP B 186 1.22 3.03 20.03
C ASP B 186 1.58 3.50 21.42
N ASP B 187 2.36 4.57 21.50
CA ASP B 187 2.78 5.07 22.81
C ASP B 187 1.73 6.06 23.24
N PRO B 188 1.17 5.87 24.44
CA PRO B 188 0.13 6.84 24.83
C PRO B 188 0.73 8.16 25.32
N ARG B 189 1.98 8.12 25.80
CA ARG B 189 2.67 9.35 26.17
C ARG B 189 2.96 10.26 24.96
N ASN B 190 3.91 9.86 24.11
CA ASN B 190 4.13 10.37 22.74
C ASN B 190 3.16 9.76 21.69
N LYS B 191 2.37 10.60 21.01
CA LYS B 191 1.39 10.15 20.01
C LYS B 191 2.02 9.85 18.63
N ARG B 192 3.18 10.47 18.41
CA ARG B 192 4.02 10.23 17.23
C ARG B 192 4.98 9.03 17.45
N GLY B 193 4.79 8.30 18.54
CA GLY B 193 5.79 7.36 19.00
C GLY B 193 5.23 5.96 19.00
N VAL B 194 6.11 4.98 19.14
CA VAL B 194 5.65 3.61 19.26
C VAL B 194 6.38 2.97 20.43
N ILE B 195 5.81 1.92 21.02
CA ILE B 195 6.60 1.02 21.87
C ILE B 195 6.87 -0.32 21.18
N ILE B 196 8.15 -0.65 21.11
CA ILE B 196 8.59 -1.98 20.75
C ILE B 196 8.76 -2.85 21.99
N LYS B 197 7.76 -3.67 22.27
CA LYS B 197 7.80 -4.50 23.44
C LYS B 197 8.89 -5.53 23.27
N GLY B 198 9.82 -5.54 24.21
CA GLY B 198 10.85 -6.54 24.27
C GLY B 198 12.10 -6.14 23.51
N LEU B 199 12.19 -4.91 23.02
CA LEU B 199 13.38 -4.55 22.26
C LEU B 199 14.50 -4.36 23.25
N GLU B 200 15.64 -4.96 22.99
CA GLU B 200 16.73 -4.79 23.92
C GLU B 200 17.73 -3.71 23.59
N GLU B 201 18.01 -2.92 24.63
CA GLU B 201 18.99 -1.86 24.64
C GLU B 201 20.21 -2.34 25.37
N ILE B 202 21.36 -2.43 24.69
CA ILE B 202 22.59 -2.86 25.33
C ILE B 202 23.43 -1.66 25.69
N THR B 203 23.93 -1.65 26.92
CA THR B 203 24.76 -0.52 27.36
C THR B 203 26.18 -0.84 26.88
N VAL B 204 26.83 0.11 26.22
CA VAL B 204 28.23 -0.03 25.83
C VAL B 204 29.10 0.74 26.85
N HIS B 205 29.78 0.02 27.76
CA HIS B 205 30.46 0.67 28.90
C HIS B 205 31.74 1.42 28.44
N ASN B 206 32.45 0.90 27.43
CA ASN B 206 33.60 1.61 26.87
C ASN B 206 33.85 1.15 25.45
N LYS B 207 34.76 1.80 24.75
CA LYS B 207 35.04 1.45 23.37
C LYS B 207 35.43 -0.03 23.26
N ASP B 208 36.11 -0.57 24.29
CA ASP B 208 36.49 -1.98 24.33
C ASP B 208 35.31 -2.99 24.37
N GLU B 209 34.08 -2.49 24.43
CA GLU B 209 32.94 -3.39 24.38
C GLU B 209 32.29 -3.32 23.02
N VAL B 210 32.68 -2.35 22.21
CA VAL B 210 31.92 -2.07 21.01
C VAL B 210 31.93 -3.27 20.05
N TYR B 211 33.11 -3.81 19.74
CA TYR B 211 33.19 -4.83 18.72
C TYR B 211 32.37 -6.08 18.97
N GLN B 212 32.55 -6.70 20.14
CA GLN B 212 31.82 -7.93 20.45
C GLN B 212 30.31 -7.72 20.23
N ILE B 213 29.81 -6.52 20.57
CA ILE B 213 28.38 -6.24 20.44
C ILE B 213 28.00 -6.27 18.96
N LEU B 214 28.71 -5.52 18.14
CA LEU B 214 28.52 -5.63 16.70
C LEU B 214 28.62 -7.07 16.17
N GLU B 215 29.65 -7.84 16.56
CA GLU B 215 29.73 -9.27 16.25
C GLU B 215 28.46 -10.09 16.57
N LYS B 216 27.90 -9.91 17.76
CA LYS B 216 26.67 -10.57 18.12
C LYS B 216 25.63 -10.34 17.01
N GLY B 217 25.45 -9.08 16.65
CA GLY B 217 24.59 -8.68 15.54
C GLY B 217 24.84 -9.47 14.26
N ALA B 218 26.10 -9.56 13.84
CA ALA B 218 26.48 -10.20 12.60
C ALA B 218 26.09 -11.68 12.62
N ALA B 219 26.30 -12.31 13.77
CA ALA B 219 25.99 -13.76 13.87
C ALA B 219 24.51 -13.94 13.86
N LYS B 220 23.75 -13.05 14.51
CA LYS B 220 22.30 -13.26 14.52
C LYS B 220 21.74 -13.07 13.11
N ARG B 221 22.27 -12.10 12.36
CA ARG B 221 21.98 -11.95 10.94
C ARG B 221 22.27 -13.15 10.02
N THR B 222 23.35 -13.89 10.31
CA THR B 222 23.60 -15.15 9.61
C THR B 222 22.44 -16.12 9.83
N THR B 223 22.03 -16.36 11.07
CA THR B 223 20.86 -17.20 11.28
C THR B 223 19.56 -16.61 10.66
N ALA B 224 19.38 -15.30 10.71
CA ALA B 224 18.19 -14.74 10.06
C ALA B 224 18.21 -15.07 8.56
N ALA B 225 19.35 -14.92 7.93
CA ALA B 225 19.51 -15.19 6.51
C ALA B 225 19.12 -16.64 6.16
N THR B 226 19.36 -17.54 7.11
CA THR B 226 19.13 -18.94 6.90
C THR B 226 17.64 -19.22 6.91
N LEU B 227 16.96 -18.56 7.85
CA LEU B 227 15.54 -18.64 8.16
C LEU B 227 14.64 -17.95 7.15
N MET B 228 15.11 -16.85 6.58
CA MET B 228 14.24 -15.98 5.79
C MET B 228 14.84 -15.71 4.43
N ASN B 229 14.04 -15.82 3.38
CA ASN B 229 14.59 -15.74 1.99
C ASN B 229 15.09 -14.36 1.62
N ALA B 230 16.20 -14.30 0.89
CA ALA B 230 16.88 -13.07 0.55
C ALA B 230 16.94 -12.04 1.70
N TYR B 231 17.11 -12.50 2.92
CA TYR B 231 16.99 -11.61 4.05
C TYR B 231 17.80 -10.30 3.98
N SER B 232 19.03 -10.39 3.47
CA SER B 232 19.95 -9.29 3.57
C SER B 232 19.54 -8.21 2.56
N SER B 233 18.76 -8.62 1.56
CA SER B 233 18.25 -7.73 0.52
C SER B 233 16.90 -7.14 0.89
N ARG B 234 16.10 -7.93 1.58
CA ARG B 234 14.68 -7.56 1.72
C ARG B 234 14.37 -6.94 3.07
N SER B 235 15.29 -7.06 4.02
CA SER B 235 15.13 -6.48 5.36
C SER B 235 15.52 -4.99 5.44
N HIS B 236 14.92 -4.29 6.39
CA HIS B 236 15.35 -2.94 6.76
C HIS B 236 15.94 -3.10 8.15
N SER B 237 17.08 -2.46 8.38
CA SER B 237 17.63 -2.54 9.72
C SER B 237 17.75 -1.15 10.32
N VAL B 238 17.42 -1.01 11.60
CA VAL B 238 17.54 0.27 12.32
C VAL B 238 18.50 0.12 13.53
N PHE B 239 19.71 0.65 13.40
CA PHE B 239 20.70 0.60 14.47
C PHE B 239 20.59 1.93 15.21
N SER B 240 20.25 1.90 16.49
CA SER B 240 19.96 3.08 17.29
C SER B 240 21.06 3.18 18.35
N VAL B 241 21.65 4.38 18.42
CA VAL B 241 22.55 4.79 19.49
C VAL B 241 21.91 5.86 20.36
N THR B 242 21.89 5.66 21.68
CA THR B 242 21.38 6.72 22.58
C THR B 242 22.52 7.10 23.53
N ILE B 243 22.68 8.40 23.70
CA ILE B 243 23.70 8.96 24.55
C ILE B 243 23.00 9.88 25.56
N HIS B 244 23.16 9.48 26.82
CA HIS B 244 22.80 10.27 27.97
C HIS B 244 24.06 10.92 28.56
N MET B 245 24.02 12.24 28.65
CA MET B 245 25.19 13.05 29.01
C MET B 245 24.89 14.02 30.16
N LYS B 246 25.82 14.05 31.10
CA LYS B 246 25.84 15.06 32.17
C LYS B 246 27.20 15.71 32.06
N GLU B 247 27.23 16.89 31.46
CA GLU B 247 28.50 17.61 31.43
C GLU B 247 28.65 18.70 32.50
N THR B 248 29.81 18.67 33.17
CA THR B 248 30.29 19.81 33.95
C THR B 248 31.25 20.62 33.06
N THR B 249 30.81 21.80 32.64
CA THR B 249 31.68 22.77 31.97
C THR B 249 32.88 23.10 32.87
N ILE B 250 33.94 23.65 32.27
CA ILE B 250 35.12 24.09 33.01
C ILE B 250 34.81 25.09 34.15
N ASP B 251 33.66 25.77 34.02
CA ASP B 251 33.16 26.73 35.03
C ASP B 251 32.28 26.10 36.11
N GLY B 252 31.96 24.82 35.98
CA GLY B 252 31.23 24.12 37.02
C GLY B 252 29.72 24.01 36.82
N GLU B 253 29.23 24.33 35.63
CA GLU B 253 27.80 24.25 35.30
C GLU B 253 27.47 22.81 34.87
N GLU B 254 26.37 22.24 35.35
CA GLU B 254 25.99 20.86 35.01
C GLU B 254 24.98 20.84 33.85
N LEU B 255 25.34 20.34 32.68
CA LEU B 255 24.36 20.27 31.57
C LEU B 255 23.87 18.84 31.33
N VAL B 256 22.55 18.63 31.26
CA VAL B 256 22.02 17.28 30.90
C VAL B 256 21.37 17.20 29.52
N LYS B 257 21.97 16.39 28.65
CA LYS B 257 21.58 16.24 27.24
C LYS B 257 21.27 14.78 26.93
N ILE B 258 20.32 14.57 26.04
CA ILE B 258 20.03 13.22 25.52
C ILE B 258 19.99 13.29 23.99
N GLY B 259 20.95 12.61 23.37
CA GLY B 259 21.08 12.50 21.91
C GLY B 259 20.71 11.12 21.38
N LYS B 260 19.92 11.11 20.30
CA LYS B 260 19.58 9.87 19.66
C LYS B 260 19.99 9.83 18.17
N LEU B 261 20.80 8.83 17.79
CA LEU B 261 21.07 8.60 16.37
C LEU B 261 20.48 7.29 15.84
N ASN B 262 19.63 7.34 14.81
CA ASN B 262 19.23 6.14 14.04
C ASN B 262 20.05 5.96 12.77
N LEU B 263 20.57 4.76 12.58
CA LEU B 263 21.28 4.46 11.33
C LEU B 263 20.58 3.38 10.55
N VAL B 264 20.03 3.79 9.41
CA VAL B 264 19.06 2.96 8.75
C VAL B 264 19.53 2.43 7.40
N ASP B 265 19.67 1.11 7.30
CA ASP B 265 20.09 0.41 6.06
C ASP B 265 18.76 -0.15 5.50
N LEU B 266 18.25 0.50 4.46
CA LEU B 266 16.99 0.12 3.83
C LEU B 266 17.05 -1.16 3.00
N ALA B 267 15.90 -1.80 2.79
CA ALA B 267 15.78 -2.90 1.84
C ALA B 267 16.20 -2.36 0.51
N GLY B 268 16.79 -3.22 -0.31
CA GLY B 268 17.09 -2.86 -1.71
C GLY B 268 15.89 -2.36 -2.50
N SER B 269 16.09 -1.26 -3.22
CA SER B 269 15.01 -0.53 -3.86
C SER B 269 14.57 -1.12 -5.19
N GLU B 270 15.29 -2.12 -5.68
CA GLU B 270 15.12 -2.67 -7.06
C GLU B 270 13.75 -3.32 -7.32
N ASN B 271 13.30 -3.17 -8.56
CA ASN B 271 12.03 -3.67 -9.06
C ASN B 271 12.07 -5.13 -9.55
N ASN B 287 5.77 -10.68 -1.05
CA ASN B 287 6.81 -10.49 -2.09
C ASN B 287 6.85 -8.99 -2.40
N ILE B 288 6.00 -8.32 -1.63
CA ILE B 288 5.85 -6.89 -1.73
C ILE B 288 6.56 -6.40 -0.48
N ASN B 289 7.34 -5.35 -0.63
CA ASN B 289 7.87 -4.71 0.55
C ASN B 289 6.96 -3.56 1.00
N GLN B 290 6.03 -3.86 1.87
CA GLN B 290 5.12 -2.85 2.42
C GLN B 290 5.82 -1.68 3.13
N SER B 291 6.91 -1.91 3.86
CA SER B 291 7.67 -0.80 4.41
C SER B 291 8.33 0.02 3.34
N LEU B 292 8.82 -0.61 2.27
CA LEU B 292 9.49 0.18 1.25
C LEU B 292 8.46 0.96 0.42
N LEU B 293 7.37 0.29 0.07
CA LEU B 293 6.30 0.93 -0.65
C LEU B 293 5.79 2.12 0.15
N THR B 294 5.54 1.93 1.43
CA THR B 294 5.01 3.01 2.23
C THR B 294 5.98 4.16 2.40
N LEU B 295 7.28 3.86 2.51
CA LEU B 295 8.29 4.91 2.63
C LEU B 295 8.17 5.82 1.44
N GLY B 296 8.08 5.23 0.27
CA GLY B 296 7.93 6.00 -0.97
C GLY B 296 6.65 6.81 -1.03
N ARG B 297 5.56 6.27 -0.48
CA ARG B 297 4.31 7.04 -0.43
C ARG B 297 4.30 8.19 0.61
N VAL B 298 4.95 7.96 1.75
CA VAL B 298 5.16 9.00 2.76
C VAL B 298 5.97 10.19 2.21
N ILE B 299 7.04 9.89 1.46
CA ILE B 299 7.85 10.92 0.87
C ILE B 299 7.07 11.71 -0.14
N THR B 300 6.25 11.03 -0.93
CA THR B 300 5.42 11.72 -1.94
C THR B 300 4.40 12.67 -1.25
N ALA B 301 3.73 12.19 -0.21
CA ALA B 301 2.79 13.06 0.50
C ALA B 301 3.47 14.24 1.17
N LEU B 302 4.64 14.04 1.79
CA LEU B 302 5.32 15.16 2.44
C LEU B 302 5.73 16.22 1.43
N VAL B 303 6.16 15.78 0.26
CA VAL B 303 6.66 16.68 -0.76
C VAL B 303 5.55 17.33 -1.61
N GLU B 304 4.39 16.70 -1.71
CA GLU B 304 3.28 17.34 -2.41
C GLU B 304 2.34 18.14 -1.50
N ARG B 305 2.66 18.18 -0.20
CA ARG B 305 1.95 18.98 0.79
C ARG B 305 0.55 18.42 1.07
N THR B 306 0.33 17.14 0.78
CA THR B 306 -0.91 16.43 1.12
C THR B 306 -1.06 16.33 2.63
N PRO B 307 -2.22 16.76 3.18
CA PRO B 307 -2.45 16.77 4.63
C PRO B 307 -2.34 15.40 5.28
N HIS B 308 -2.74 14.35 4.55
CA HIS B 308 -2.67 13.03 5.13
C HIS B 308 -1.41 12.36 4.63
N VAL B 309 -0.57 11.97 5.58
CA VAL B 309 0.67 11.27 5.29
C VAL B 309 0.53 9.86 5.84
N PRO B 310 0.72 8.84 4.99
CA PRO B 310 0.40 7.45 5.38
C PRO B 310 1.40 6.74 6.28
N TYR B 311 1.92 7.42 7.29
CA TYR B 311 2.81 6.77 8.26
C TYR B 311 2.32 5.44 8.76
N ARG B 312 1.05 5.32 9.13
CA ARG B 312 0.60 4.08 9.76
C ARG B 312 0.53 2.87 8.84
N GLU B 313 0.67 3.07 7.53
CA GLU B 313 0.54 1.95 6.62
C GLU B 313 1.75 0.92 6.61
N SER B 314 2.80 1.14 7.40
CA SER B 314 3.86 0.12 7.54
C SER B 314 4.60 0.34 8.84
N LYS B 315 5.39 -0.65 9.23
CA LYS B 315 6.15 -0.57 10.47
C LYS B 315 7.33 0.36 10.37
N LEU B 316 8.00 0.40 9.22
CA LEU B 316 9.15 1.29 9.09
C LEU B 316 8.76 2.75 9.32
N THR B 317 7.67 3.18 8.69
CA THR B 317 7.27 4.60 8.79
C THR B 317 6.60 5.01 10.12
N ARG B 318 6.05 4.06 10.85
CA ARG B 318 5.60 4.33 12.20
C ARG B 318 6.78 4.45 13.14
N ILE B 319 7.72 3.52 13.04
CA ILE B 319 8.93 3.61 13.86
C ILE B 319 9.65 4.96 13.58
N LEU B 320 9.77 5.37 12.31
CA LEU B 320 10.67 6.45 11.94
C LEU B 320 9.91 7.68 11.56
N GLN B 321 8.64 7.72 11.94
CA GLN B 321 7.77 8.87 11.76
C GLN B 321 8.44 10.23 12.05
N ASP B 322 9.09 10.34 13.21
CA ASP B 322 9.79 11.59 13.49
C ASP B 322 10.97 11.92 12.55
N SER B 323 11.53 10.95 11.85
CA SER B 323 12.57 11.23 10.87
C SER B 323 12.03 11.77 9.55
N LEU B 324 10.73 11.59 9.31
CA LEU B 324 10.17 12.03 8.03
C LEU B 324 9.19 13.17 8.21
N GLY B 325 9.65 14.41 8.04
CA GLY B 325 8.86 15.60 8.35
C GLY B 325 8.64 15.87 9.85
N GLY B 326 9.48 15.36 10.74
CA GLY B 326 9.22 15.59 12.17
C GLY B 326 10.34 16.39 12.82
N ARG B 327 10.59 16.11 14.09
CA ARG B 327 11.59 16.89 14.81
C ARG B 327 13.01 16.30 14.71
N THR B 328 13.26 15.40 13.76
CA THR B 328 14.62 14.84 13.62
C THR B 328 15.44 15.48 12.50
N ARG B 329 16.75 15.65 12.68
CA ARG B 329 17.59 16.00 11.55
C ARG B 329 17.87 14.74 10.75
N THR B 330 17.42 14.77 9.51
CA THR B 330 17.51 13.61 8.67
C THR B 330 18.41 13.80 7.46
N SER B 331 19.24 12.79 7.18
CA SER B 331 19.96 12.67 5.92
C SER B 331 19.70 11.35 5.19
N ILE B 332 19.81 11.44 3.87
CA ILE B 332 19.68 10.27 3.04
C ILE B 332 20.96 10.09 2.23
N ILE B 333 21.60 8.91 2.31
CA ILE B 333 22.68 8.53 1.39
C ILE B 333 22.18 7.52 0.34
N ALA B 334 22.08 8.02 -0.88
CA ALA B 334 21.60 7.23 -2.02
C ALA B 334 22.83 6.64 -2.72
N THR B 335 22.91 5.32 -2.75
CA THR B 335 24.03 4.65 -3.37
C THR B 335 23.65 4.17 -4.77
N ILE B 336 24.62 4.31 -5.68
CA ILE B 336 24.44 4.01 -7.08
C ILE B 336 25.62 3.22 -7.65
N SER B 337 25.37 2.52 -8.76
CA SER B 337 26.38 1.76 -9.51
C SER B 337 26.81 2.56 -10.75
N PRO B 338 28.09 2.45 -11.12
CA PRO B 338 28.55 3.12 -12.34
C PRO B 338 28.29 2.30 -13.64
N ALA B 339 27.76 1.08 -13.52
CA ALA B 339 27.64 0.16 -14.65
C ALA B 339 26.45 0.45 -15.54
N SER B 340 26.69 0.33 -16.83
CA SER B 340 25.64 0.50 -17.81
C SER B 340 24.49 -0.47 -17.55
N LEU B 341 24.80 -1.70 -17.16
CA LEU B 341 23.77 -2.70 -16.85
C LEU B 341 22.71 -2.16 -15.88
N ASN B 342 23.09 -1.24 -15.00
CA ASN B 342 22.17 -0.79 -13.93
C ASN B 342 21.48 0.53 -14.24
N LEU B 343 21.61 1.01 -15.47
CA LEU B 343 21.09 2.33 -15.82
C LEU B 343 19.67 2.60 -15.24
N GLU B 344 18.68 1.76 -15.51
CA GLU B 344 17.34 2.17 -15.13
CA GLU B 344 17.29 2.04 -15.12
C GLU B 344 17.16 2.21 -13.61
N GLU B 345 17.77 1.30 -12.88
CA GLU B 345 17.79 1.37 -11.41
C GLU B 345 18.60 2.57 -10.89
N THR B 346 19.72 2.86 -11.53
CA THR B 346 20.40 4.11 -11.20
C THR B 346 19.52 5.34 -11.34
N LEU B 347 18.86 5.52 -12.48
CA LEU B 347 17.99 6.67 -12.70
C LEU B 347 16.91 6.68 -11.62
N SER B 348 16.25 5.54 -11.42
CA SER B 348 15.17 5.48 -10.48
C SER B 348 15.63 5.86 -9.06
N THR B 349 16.82 5.44 -8.67
CA THR B 349 17.42 5.93 -7.41
C THR B 349 17.68 7.44 -7.36
N LEU B 350 18.29 7.96 -8.41
CA LEU B 350 18.49 9.40 -8.45
C LEU B 350 17.18 10.19 -8.39
N GLU B 351 16.18 9.81 -9.19
CA GLU B 351 14.86 10.47 -9.15
C GLU B 351 14.23 10.48 -7.72
N TYR B 352 14.34 9.36 -7.03
CA TYR B 352 13.70 9.21 -5.73
C TYR B 352 14.35 10.13 -4.74
N ALA B 353 15.67 10.05 -4.75
CA ALA B 353 16.47 10.79 -3.81
C ALA B 353 16.39 12.28 -4.15
N HIS B 354 16.32 12.62 -5.43
CA HIS B 354 16.18 14.02 -5.76
C HIS B 354 14.89 14.63 -5.18
N ARG B 355 13.77 13.94 -5.34
CA ARG B 355 12.51 14.37 -4.72
C ARG B 355 12.65 14.56 -3.21
N ALA B 356 13.39 13.67 -2.55
CA ALA B 356 13.46 13.77 -1.10
C ALA B 356 14.06 15.07 -0.57
N LYS B 357 14.85 15.77 -1.37
CA LYS B 357 15.42 17.06 -0.91
C LYS B 357 14.37 18.04 -0.39
N ASN B 358 13.15 17.97 -0.96
CA ASN B 358 12.10 18.91 -0.64
C ASN B 358 11.38 18.70 0.69
N ILE B 359 11.72 17.67 1.45
CA ILE B 359 11.03 17.39 2.69
C ILE B 359 11.53 18.33 3.76
N LEU B 360 10.60 18.98 4.47
CA LEU B 360 10.96 19.87 5.58
C LEU B 360 10.81 19.19 6.96
N ASN B 361 11.88 19.18 7.75
CA ASN B 361 11.88 18.67 9.12
C ASN B 361 12.09 19.88 10.03
N LYS B 362 11.88 19.74 11.33
CA LYS B 362 12.02 20.84 12.29
C LYS B 362 12.74 20.37 13.54
N PRO B 363 14.06 20.14 13.42
CA PRO B 363 14.93 19.60 14.46
C PRO B 363 14.96 20.51 15.68
N GLU B 364 15.03 19.90 16.87
CA GLU B 364 14.92 20.58 18.17
C GLU B 364 15.65 19.76 19.24
N VAL B 365 16.20 20.46 20.24
CA VAL B 365 16.89 19.82 21.37
C VAL B 365 15.95 18.91 22.21
N ASN B 366 16.52 17.92 22.88
CA ASN B 366 15.72 16.98 23.67
C ASN B 366 15.25 17.51 25.02
PB ADP C . -24.50 1.27 2.49
O1B ADP C . -24.48 -0.20 2.17
O2B ADP C . -23.91 2.10 1.38
O3B ADP C . -23.89 1.68 3.81
PA ADP C . -27.34 1.09 2.76
O1A ADP C . -27.17 0.48 4.10
O2A ADP C . -27.66 0.17 1.64
O3A ADP C . -25.99 1.84 2.35
O5' ADP C . -28.28 2.39 2.84
C5' ADP C . -28.31 3.17 4.05
C4' ADP C . -29.76 3.53 4.34
O4' ADP C . -30.29 4.25 3.24
C3' ADP C . -30.61 2.27 4.49
O3' ADP C . -31.53 2.49 5.57
C2' ADP C . -31.39 2.19 3.19
O2' ADP C . -32.70 1.70 3.45
C1' ADP C . -31.50 3.63 2.75
N9 ADP C . -31.41 3.73 1.30
C8 ADP C . -30.23 3.80 0.66
N7 ADP C . -30.37 3.97 -0.67
C5 ADP C . -31.69 4.00 -0.88
C6 ADP C . -32.52 4.17 -2.09
N6 ADP C . -31.87 4.27 -3.29
N1 ADP C . -33.86 4.19 -1.93
C2 ADP C . -34.45 4.06 -0.72
N3 ADP C . -33.77 3.94 0.44
C4 ADP C . -32.40 3.89 0.42
MG MG D . -23.75 -1.71 3.28
CAN X7E E . -28.18 -11.90 -0.42
CAW X7E E . -27.04 -12.25 0.27
FAG X7E E . -26.08 -12.99 -0.31
CAV X7E E . -26.84 -11.86 1.58
FAF X7E E . -25.72 -12.28 2.16
CAL X7E E . -27.76 -11.09 2.26
CAJ X7E E . -28.90 -10.71 1.56
CAU X7E E . -29.13 -11.11 0.24
CAQ X7E E . -30.44 -10.75 -0.45
OAC X7E E . -30.15 -9.91 -1.52
CAS X7E E . -31.31 -10.04 0.55
CAP X7E E . -31.92 -10.75 1.58
CAA X7E E . -31.74 -12.27 1.86
NAZ X7E E . -32.73 -10.01 2.42
CAB X7E E . -33.40 -10.68 3.59
CAR X7E E . -32.89 -8.67 2.25
SAE X7E E . -33.64 -7.89 3.49
NAO X7E E . -32.35 -7.93 1.23
CAY X7E E . -31.88 -8.73 0.12
CAX X7E E . -33.21 -9.19 -0.64
CAM X7E E . -34.33 -8.38 -0.76
CAK X7E E . -33.34 -10.45 -1.23
CAH X7E E . -34.50 -10.87 -1.92
CAI X7E E . -35.60 -10.03 -2.07
CAT X7E E . -35.48 -8.78 -1.48
OAD X7E E . -36.52 -7.90 -1.55
PB ADP F . 24.14 -3.43 -0.60
O1B ADP F . 24.03 -3.57 0.89
O2B ADP F . 23.77 -2.06 -1.14
O3B ADP F . 23.50 -4.57 -1.39
PA ADP F . 26.94 -3.93 -0.35
O1A ADP F . 26.71 -5.38 0.00
O2A ADP F . 27.33 -2.98 0.73
O3A ADP F . 25.67 -3.36 -1.07
O5' ADP F . 28.12 -3.90 -1.44
C5' ADP F . 28.05 -4.78 -2.55
C4' ADP F . 29.47 -4.99 -2.98
O4' ADP F . 30.06 -3.80 -3.49
C3' ADP F . 30.30 -5.41 -1.80
O3' ADP F . 31.16 -6.32 -2.47
C2' ADP F . 31.11 -4.18 -1.41
O2' ADP F . 32.45 -4.58 -1.18
C1' ADP F . 31.18 -3.39 -2.69
N9 ADP F . 31.12 -1.93 -2.45
C8 ADP F . 30.01 -1.17 -2.37
N7 ADP F . 30.30 0.14 -2.24
C5 ADP F . 31.63 0.22 -2.24
C6 ADP F . 32.64 1.30 -2.13
N6 ADP F . 32.25 2.58 -1.99
N1 ADP F . 33.94 0.98 -2.18
C2 ADP F . 34.36 -0.28 -2.34
N3 ADP F . 33.51 -1.32 -2.45
C4 ADP F . 32.18 -1.13 -2.40
MG MG G . 23.29 -4.78 2.08
CAN X7E H . 27.28 -4.13 13.21
CAW X7E H . 26.06 -4.74 13.42
FAG X7E H . 25.12 -4.31 14.28
CAV X7E H . 25.68 -5.84 12.69
FAF X7E H . 24.47 -6.29 13.00
CAL X7E H . 26.51 -6.37 11.73
CAJ X7E H . 27.74 -5.76 11.52
CAU X7E H . 28.15 -4.64 12.26
CAQ X7E H . 29.54 -3.99 12.10
OAC X7E H . 29.32 -2.71 11.61
CAS X7E H . 30.39 -4.80 11.13
CAP X7E H . 30.87 -6.05 11.47
CAA X7E H . 30.58 -6.72 12.82
NAZ X7E H . 31.68 -6.74 10.57
CAB X7E H . 32.16 -8.10 10.85
CAR X7E H . 31.98 -6.19 9.36
SAE X7E H . 32.61 -7.19 8.21
NAO X7E H . 31.52 -4.96 8.96
CAY X7E H . 31.05 -4.05 10.00
CAX X7E H . 32.41 -3.49 10.61
CAM X7E H . 33.53 -3.19 9.84
CAK X7E H . 32.59 -3.33 11.99
CAH X7E H . 33.79 -2.85 12.52
CAI X7E H . 34.88 -2.51 11.73
CAT X7E H . 34.75 -2.71 10.37
OAD X7E H . 35.83 -2.44 9.55
#